data_1II0
#
_entry.id   1II0
#
_cell.length_a   76.727
_cell.length_b   222.189
_cell.length_c   74.126
_cell.angle_alpha   90.00
_cell.angle_beta   90.00
_cell.angle_gamma   90.00
#
_symmetry.space_group_name_H-M   'P 21 21 2'
#
loop_
_entity.id
_entity.type
_entity.pdbx_description
1 polymer 'ARSENICAL PUMP-DRIVING ATPASE'
2 non-polymer 'CADMIUM ION'
3 non-polymer 'CHLORIDE ION'
4 non-polymer 'MAGNESIUM ION'
5 non-polymer "ADENOSINE-5'-DIPHOSPHATE"
6 non-polymer "ADENOSINE-5'-TRIPHOSPHATE"
7 non-polymer TRIHYDROXYARSENITE(III)
8 water water
#
_entity_poly.entity_id   1
_entity_poly.type   'polypeptide(L)'
_entity_poly.pdbx_seq_one_letter_code
;MQFLQNIPPYLFFTGKGGVGKTSISCATAIRLAEQGKRVLLVSTDPASNVGQVFSQTIGNTIQAIASVPGLSALEIDPQA
AAQQYRARIVDPIKGVLPDDVVSSINEQLSGACTTEIAAFDEFTGLLTDASLLTRFDHIIFDTAPTGHTIRLLQLPGAWS
SFIDSNPEGASCLGPMAGLEKQREQYAYAVEALSDPKRTRLVLVARLQKSTLQEVARTHLELAAIGLKNQYLVINGVLPK
TEAANDTLAAAIWEREQEALANLPADLAGLPTDTLFLQPVNMVGVSALSRLLSTQPVASPSSDEYLQQRPDIPSLSALVD
DIARNEHGLIMLMGKGGVGKTTMAAAIAVRLADMGFDVHLTTSDPAAHLSMTLNGSLNNLQVSRIDPHEETERYRQHVLE
TKGKELDEAGKRLLEEDLRSPCTEEIAVFQAFSRVIREAGKRFVVMDTAPTGHTLLLLDATGAYHREIAKKMGEKGHFTT
PMMLLQDPERTKVLLVTLPETTPVLEAANLQADLERAGIHPWGWIINNSLSIADTRSPLLRMRAQQELPQIESVKRQHAS
RVALVPVLASEPTGIDKLKQLAGHHHHHH
;
_entity_poly.pdbx_strand_id   A,B
#
loop_
_chem_comp.id
_chem_comp.type
_chem_comp.name
_chem_comp.formula
ADP non-polymer ADENOSINE-5'-DIPHOSPHATE 'C10 H15 N5 O10 P2'
ATP non-polymer ADENOSINE-5'-TRIPHOSPHATE 'C10 H16 N5 O13 P3'
CD non-polymer 'CADMIUM ION' 'Cd 2'
CL non-polymer 'CHLORIDE ION' 'Cl -1'
MG non-polymer 'MAGNESIUM ION' 'Mg 2'
TAS non-polymer TRIHYDROXYARSENITE(III) 'As H3 O3'
#
# COMPACT_ATOMS: atom_id res chain seq x y z
N MET A 1 31.89 -31.63 23.69
CA MET A 1 32.07 -30.21 23.23
C MET A 1 33.52 -29.79 23.38
N GLN A 2 34.10 -29.27 22.30
CA GLN A 2 35.47 -28.82 22.31
C GLN A 2 35.69 -27.71 23.31
N PHE A 3 34.73 -26.80 23.40
CA PHE A 3 34.88 -25.67 24.32
C PHE A 3 34.91 -26.11 25.77
N LEU A 4 34.46 -27.34 26.04
CA LEU A 4 34.47 -27.87 27.39
C LEU A 4 35.77 -28.59 27.73
N GLN A 5 36.55 -28.94 26.72
CA GLN A 5 37.80 -29.67 26.94
C GLN A 5 38.97 -28.77 27.39
N ASN A 6 39.66 -29.20 28.43
CA ASN A 6 40.81 -28.49 28.94
C ASN A 6 40.65 -27.00 29.15
N ILE A 7 39.59 -26.60 29.84
CA ILE A 7 39.39 -25.17 30.07
C ILE A 7 40.48 -24.67 31.02
N PRO A 8 41.12 -23.55 30.69
CA PRO A 8 42.17 -23.00 31.55
C PRO A 8 41.50 -22.37 32.79
N PRO A 9 42.28 -21.77 33.70
CA PRO A 9 41.62 -21.20 34.87
C PRO A 9 40.63 -20.06 34.62
N TYR A 10 40.78 -19.36 33.50
CA TYR A 10 39.89 -18.26 33.19
C TYR A 10 39.10 -18.49 31.90
N LEU A 11 37.77 -18.49 32.01
CA LEU A 11 36.89 -18.69 30.87
C LEU A 11 35.90 -17.53 30.75
N PHE A 12 35.87 -16.92 29.57
CA PHE A 12 34.96 -15.81 29.31
C PHE A 12 34.03 -16.13 28.15
N PHE A 13 32.78 -15.71 28.27
CA PHE A 13 31.81 -15.91 27.21
C PHE A 13 31.43 -14.53 26.69
N THR A 14 31.48 -14.35 25.38
CA THR A 14 31.12 -13.06 24.80
C THR A 14 30.10 -13.25 23.67
N GLY A 15 29.28 -12.22 23.43
CA GLY A 15 28.27 -12.31 22.39
C GLY A 15 27.16 -11.32 22.65
N LYS A 16 26.34 -11.03 21.65
CA LYS A 16 25.26 -10.06 21.78
C LYS A 16 24.29 -10.41 22.91
N GLY A 17 23.46 -9.43 23.28
CA GLY A 17 22.48 -9.64 24.33
C GLY A 17 21.48 -10.70 23.93
N GLY A 18 21.27 -11.68 24.80
CA GLY A 18 20.32 -12.74 24.51
C GLY A 18 20.82 -13.97 23.78
N VAL A 19 22.07 -14.00 23.32
CA VAL A 19 22.57 -15.19 22.62
C VAL A 19 22.68 -16.42 23.51
N GLY A 20 22.77 -16.21 24.82
CA GLY A 20 22.86 -17.33 25.73
C GLY A 20 24.16 -17.42 26.53
N LYS A 21 24.88 -16.30 26.63
CA LYS A 21 26.13 -16.30 27.37
C LYS A 21 25.96 -16.87 28.78
N THR A 22 25.03 -16.30 29.55
CA THR A 22 24.81 -16.75 30.92
C THR A 22 24.36 -18.21 31.03
N SER A 23 23.43 -18.62 30.19
CA SER A 23 22.94 -20.00 30.22
C SER A 23 24.11 -20.97 30.07
N ILE A 24 24.88 -20.78 29.01
CA ILE A 24 26.02 -21.62 28.73
C ILE A 24 27.03 -21.53 29.87
N SER A 25 27.13 -20.35 30.49
CA SER A 25 28.07 -20.17 31.60
C SER A 25 27.68 -21.09 32.74
N CYS A 26 26.40 -21.04 33.10
CA CYS A 26 25.87 -21.86 34.18
C CYS A 26 26.00 -23.34 33.87
N ALA A 27 25.60 -23.74 32.66
CA ALA A 27 25.68 -25.14 32.26
C ALA A 27 27.12 -25.64 32.31
N THR A 28 28.06 -24.80 31.90
CA THR A 28 29.47 -25.16 31.92
C THR A 28 29.92 -25.25 33.38
N ALA A 29 29.48 -24.30 34.18
CA ALA A 29 29.84 -24.26 35.58
C ALA A 29 29.45 -25.58 36.22
N ILE A 30 28.25 -26.06 35.91
CA ILE A 30 27.74 -27.31 36.45
C ILE A 30 28.55 -28.51 35.96
N ARG A 31 28.73 -28.60 34.65
CA ARG A 31 29.48 -29.70 34.06
C ARG A 31 30.82 -29.85 34.77
N LEU A 32 31.53 -28.74 34.94
CA LEU A 32 32.84 -28.77 35.60
C LEU A 32 32.74 -29.20 37.06
N ALA A 33 31.72 -28.70 37.76
CA ALA A 33 31.54 -29.04 39.16
C ALA A 33 31.35 -30.55 39.32
N GLU A 34 30.52 -31.13 38.46
CA GLU A 34 30.25 -32.55 38.52
C GLU A 34 31.46 -33.40 38.14
N GLN A 35 32.48 -32.78 37.58
CA GLN A 35 33.69 -33.51 37.21
C GLN A 35 34.65 -33.51 38.38
N GLY A 36 34.23 -32.83 39.46
CA GLY A 36 35.05 -32.73 40.65
C GLY A 36 35.89 -31.47 40.72
N LYS A 37 35.59 -30.49 39.86
CA LYS A 37 36.33 -29.23 39.83
C LYS A 37 35.72 -28.21 40.77
N ARG A 38 36.53 -27.24 41.19
CA ARG A 38 36.06 -26.16 42.05
C ARG A 38 35.84 -24.99 41.09
N VAL A 39 34.59 -24.56 40.95
CA VAL A 39 34.27 -23.50 40.02
C VAL A 39 33.63 -22.26 40.63
N LEU A 40 34.07 -21.09 40.15
CA LEU A 40 33.52 -19.81 40.60
C LEU A 40 32.83 -19.17 39.39
N LEU A 41 31.50 -19.06 39.44
CA LEU A 41 30.74 -18.43 38.37
C LEU A 41 30.61 -16.97 38.73
N VAL A 42 31.05 -16.10 37.83
CA VAL A 42 30.97 -14.67 38.09
C VAL A 42 29.88 -14.03 37.24
N SER A 43 28.77 -13.67 37.89
CA SER A 43 27.65 -13.03 37.20
C SER A 43 27.95 -11.55 37.01
N THR A 44 27.92 -11.09 35.76
CA THR A 44 28.24 -9.71 35.46
C THR A 44 27.16 -8.91 34.75
N ASP A 45 25.93 -9.43 34.74
CA ASP A 45 24.82 -8.75 34.06
C ASP A 45 24.16 -7.68 34.94
N PRO A 46 23.72 -6.57 34.31
CA PRO A 46 23.07 -5.45 35.02
C PRO A 46 22.00 -5.84 36.04
N ALA A 47 21.16 -6.82 35.70
CA ALA A 47 20.11 -7.25 36.61
C ALA A 47 20.21 -8.76 36.77
N SER A 48 21.39 -9.22 37.16
CA SER A 48 21.67 -10.64 37.35
C SER A 48 20.47 -11.51 37.65
N ASN A 49 20.44 -12.69 37.05
CA ASN A 49 19.36 -13.65 37.25
C ASN A 49 19.93 -15.03 37.55
N VAL A 50 21.26 -15.09 37.68
CA VAL A 50 21.94 -16.35 37.97
C VAL A 50 21.50 -16.91 39.32
N GLY A 51 21.20 -16.02 40.26
CA GLY A 51 20.74 -16.47 41.56
C GLY A 51 19.40 -17.17 41.37
N GLN A 52 18.58 -16.60 40.50
CA GLN A 52 17.28 -17.17 40.23
C GLN A 52 17.39 -18.57 39.64
N VAL A 53 18.12 -18.71 38.53
CA VAL A 53 18.25 -20.01 37.89
C VAL A 53 18.71 -21.09 38.87
N PHE A 54 19.48 -20.71 39.90
CA PHE A 54 19.98 -21.67 40.88
C PHE A 54 19.16 -21.69 42.17
N SER A 55 18.01 -21.03 42.12
CA SER A 55 17.07 -20.99 43.24
C SER A 55 17.59 -20.43 44.56
N GLN A 56 18.57 -19.54 44.49
CA GLN A 56 19.10 -18.91 45.70
C GLN A 56 19.54 -17.49 45.41
N THR A 57 19.95 -16.77 46.43
CA THR A 57 20.40 -15.40 46.24
C THR A 57 21.91 -15.36 46.24
N ILE A 58 22.47 -14.48 45.42
CA ILE A 58 23.90 -14.32 45.32
C ILE A 58 24.17 -12.83 45.47
N GLY A 59 25.42 -12.47 45.76
CA GLY A 59 25.75 -11.06 45.92
C GLY A 59 27.21 -10.74 45.71
N ASN A 60 27.62 -9.53 46.07
CA ASN A 60 29.00 -9.10 45.89
C ASN A 60 29.97 -9.85 46.80
N THR A 61 29.50 -10.97 47.34
CA THR A 61 30.32 -11.82 48.20
C THR A 61 30.31 -13.22 47.62
N ILE A 62 31.42 -13.94 47.73
CA ILE A 62 31.47 -15.29 47.19
C ILE A 62 30.66 -16.22 48.08
N GLN A 63 29.65 -16.84 47.49
CA GLN A 63 28.78 -17.76 48.22
C GLN A 63 28.64 -19.05 47.41
N ALA A 64 28.59 -20.18 48.11
CA ALA A 64 28.45 -21.48 47.46
C ALA A 64 27.04 -21.69 46.93
N ILE A 65 26.92 -22.41 45.82
CA ILE A 65 25.61 -22.71 45.27
C ILE A 65 25.21 -24.05 45.88
N ALA A 66 24.46 -23.98 46.98
CA ALA A 66 24.02 -25.18 47.69
C ALA A 66 23.47 -26.29 46.79
N SER A 67 22.74 -25.89 45.75
CA SER A 67 22.12 -26.85 44.84
C SER A 67 23.06 -27.52 43.82
N VAL A 68 24.36 -27.49 44.08
CA VAL A 68 25.34 -28.10 43.20
C VAL A 68 26.74 -27.95 43.78
N PRO A 69 27.16 -28.92 44.60
CA PRO A 69 28.49 -28.92 45.25
C PRO A 69 29.67 -28.72 44.30
N GLY A 70 30.65 -27.98 44.79
CA GLY A 70 31.83 -27.69 44.00
C GLY A 70 31.73 -26.34 43.32
N LEU A 71 30.52 -25.81 43.25
CA LEU A 71 30.29 -24.53 42.60
C LEU A 71 29.90 -23.39 43.52
N SER A 72 30.51 -22.23 43.29
CA SER A 72 30.19 -21.05 44.06
C SER A 72 29.97 -19.95 43.05
N ALA A 73 29.36 -18.85 43.47
CA ALA A 73 29.09 -17.75 42.58
C ALA A 73 29.39 -16.43 43.24
N LEU A 74 29.39 -15.38 42.43
CA LEU A 74 29.67 -14.02 42.89
C LEU A 74 29.08 -13.07 41.86
N GLU A 75 28.39 -12.05 42.35
CA GLU A 75 27.79 -11.07 41.46
C GLU A 75 28.57 -9.77 41.45
N ILE A 76 28.85 -9.28 40.25
CA ILE A 76 29.55 -8.02 40.04
C ILE A 76 28.57 -7.14 39.28
N ASP A 77 27.70 -6.49 40.04
CA ASP A 77 26.70 -5.60 39.46
C ASP A 77 27.41 -4.44 38.77
N PRO A 78 27.22 -4.29 37.45
CA PRO A 78 27.86 -3.24 36.65
C PRO A 78 27.28 -1.84 36.84
N GLN A 79 25.99 -1.77 37.16
CA GLN A 79 25.35 -0.48 37.37
C GLN A 79 25.85 0.10 38.68
N ALA A 80 25.96 -0.75 39.68
CA ALA A 80 26.45 -0.32 40.98
C ALA A 80 27.91 0.11 40.85
N ALA A 81 28.72 -0.74 40.24
CA ALA A 81 30.13 -0.45 40.04
C ALA A 81 30.29 0.89 39.30
N ALA A 82 29.45 1.14 38.30
CA ALA A 82 29.51 2.39 37.56
C ALA A 82 29.20 3.53 38.52
N GLN A 83 28.14 3.36 39.32
CA GLN A 83 27.73 4.36 40.31
C GLN A 83 28.93 4.70 41.21
N GLN A 84 29.47 3.70 41.89
CA GLN A 84 30.61 3.90 42.79
C GLN A 84 31.80 4.53 42.07
N TYR A 85 32.01 4.09 40.83
CA TYR A 85 33.12 4.59 40.02
C TYR A 85 32.97 6.08 39.74
N ARG A 86 31.75 6.47 39.36
CA ARG A 86 31.46 7.86 39.06
C ARG A 86 31.56 8.69 40.34
N ALA A 87 30.97 8.17 41.41
CA ALA A 87 30.97 8.85 42.70
C ALA A 87 32.38 9.01 43.26
N ARG A 88 33.26 8.07 42.92
CA ARG A 88 34.64 8.12 43.39
C ARG A 88 35.44 9.26 42.74
N ILE A 89 34.93 9.77 41.62
CA ILE A 89 35.58 10.84 40.88
C ILE A 89 34.98 12.19 41.28
N VAL A 90 33.65 12.22 41.32
CA VAL A 90 32.89 13.43 41.63
C VAL A 90 32.81 13.86 43.09
N ASP A 91 32.64 12.91 44.01
CA ASP A 91 32.54 13.27 45.43
C ASP A 91 33.67 14.20 45.91
N PRO A 92 34.92 13.94 45.50
CA PRO A 92 36.04 14.79 45.92
C PRO A 92 35.90 16.27 45.54
N ILE A 93 35.38 16.56 44.34
CA ILE A 93 35.22 17.94 43.89
C ILE A 93 33.84 18.52 44.20
N LYS A 94 33.01 17.72 44.86
CA LYS A 94 31.67 18.13 45.25
C LYS A 94 31.84 19.19 46.33
N GLY A 95 31.34 20.39 46.10
CA GLY A 95 31.46 21.44 47.11
C GLY A 95 32.68 22.31 46.94
N VAL A 96 33.46 22.02 45.91
CA VAL A 96 34.66 22.79 45.61
C VAL A 96 34.46 23.45 44.25
N LEU A 97 33.57 22.88 43.44
CA LEU A 97 33.26 23.41 42.13
C LEU A 97 31.77 23.68 42.03
N PRO A 98 31.34 24.57 41.12
CA PRO A 98 29.92 24.87 40.98
C PRO A 98 29.11 23.60 40.72
N ASP A 99 27.81 23.70 40.98
CA ASP A 99 26.91 22.57 40.80
C ASP A 99 26.67 22.19 39.34
N ASP A 100 26.57 23.19 38.47
CA ASP A 100 26.36 22.94 37.06
C ASP A 100 27.58 22.24 36.48
N VAL A 101 28.74 22.52 37.06
CA VAL A 101 29.99 21.92 36.62
C VAL A 101 30.05 20.47 37.07
N VAL A 102 29.84 20.24 38.37
CA VAL A 102 29.85 18.90 38.92
C VAL A 102 28.75 18.09 38.23
N SER A 103 27.70 18.79 37.82
CA SER A 103 26.58 18.17 37.14
C SER A 103 26.98 17.71 35.75
N SER A 104 27.73 18.55 35.03
CA SER A 104 28.18 18.22 33.68
C SER A 104 29.18 17.06 33.68
N ILE A 105 30.13 17.11 34.61
CA ILE A 105 31.12 16.06 34.72
C ILE A 105 30.44 14.74 35.06
N ASN A 106 29.47 14.78 35.95
CA ASN A 106 28.78 13.57 36.34
C ASN A 106 28.15 12.92 35.10
N GLU A 107 27.59 13.73 34.21
CA GLU A 107 26.97 13.21 33.00
C GLU A 107 28.00 12.57 32.09
N GLN A 108 29.21 13.11 32.11
CA GLN A 108 30.29 12.58 31.30
C GLN A 108 30.71 11.21 31.78
N LEU A 109 30.25 10.83 32.96
CA LEU A 109 30.60 9.55 33.54
C LEU A 109 29.36 8.66 33.67
N SER A 110 28.37 8.90 32.82
CA SER A 110 27.12 8.15 32.85
C SER A 110 26.82 7.35 31.59
N GLY A 111 27.84 7.15 30.74
CA GLY A 111 27.63 6.40 29.51
C GLY A 111 28.10 4.95 29.53
N ALA A 112 27.83 4.24 28.46
CA ALA A 112 28.20 2.84 28.33
C ALA A 112 29.71 2.66 28.48
N CYS A 113 30.46 3.67 28.06
CA CYS A 113 31.91 3.59 28.19
C CYS A 113 32.36 3.57 29.65
N THR A 114 31.81 4.44 30.49
CA THR A 114 32.19 4.43 31.91
C THR A 114 31.90 3.05 32.50
N THR A 115 30.80 2.45 32.08
CA THR A 115 30.41 1.13 32.56
C THR A 115 31.40 0.04 32.14
N GLU A 116 31.89 0.10 30.91
CA GLU A 116 32.84 -0.89 30.45
C GLU A 116 34.16 -0.73 31.21
N ILE A 117 34.59 0.52 31.42
CA ILE A 117 35.82 0.78 32.13
C ILE A 117 35.70 0.34 33.59
N ALA A 118 34.56 0.60 34.21
CA ALA A 118 34.36 0.18 35.61
C ALA A 118 34.29 -1.34 35.69
N ALA A 119 33.68 -1.96 34.69
CA ALA A 119 33.58 -3.40 34.64
C ALA A 119 34.99 -3.97 34.46
N PHE A 120 35.81 -3.29 33.68
CA PHE A 120 37.16 -3.78 33.47
C PHE A 120 37.96 -3.72 34.77
N ASP A 121 37.65 -2.72 35.60
CA ASP A 121 38.32 -2.55 36.88
C ASP A 121 38.04 -3.76 37.77
N GLU A 122 36.82 -4.29 37.67
CA GLU A 122 36.42 -5.46 38.43
C GLU A 122 37.13 -6.70 37.86
N PHE A 123 37.06 -6.88 36.55
CA PHE A 123 37.71 -8.04 35.93
C PHE A 123 39.16 -8.09 36.37
N THR A 124 39.85 -6.95 36.26
CA THR A 124 41.25 -6.83 36.65
C THR A 124 41.47 -7.34 38.07
N GLY A 125 40.57 -6.97 38.96
CA GLY A 125 40.67 -7.42 40.34
C GLY A 125 40.73 -8.93 40.43
N LEU A 126 39.74 -9.60 39.85
CA LEU A 126 39.71 -11.06 39.90
C LEU A 126 40.87 -11.70 39.17
N LEU A 127 41.22 -11.16 38.01
CA LEU A 127 42.31 -11.72 37.21
C LEU A 127 43.69 -11.60 37.84
N THR A 128 43.88 -10.60 38.69
CA THR A 128 45.18 -10.41 39.30
C THR A 128 45.33 -11.00 40.70
N ASP A 129 44.32 -11.74 41.14
CA ASP A 129 44.34 -12.35 42.47
C ASP A 129 44.66 -13.84 42.41
N ALA A 130 45.96 -14.17 42.48
CA ALA A 130 46.40 -15.56 42.44
C ALA A 130 45.73 -16.48 43.47
N SER A 131 45.51 -15.96 44.67
CA SER A 131 44.90 -16.75 45.73
C SER A 131 43.62 -17.45 45.26
N LEU A 132 42.88 -16.77 44.39
CA LEU A 132 41.64 -17.34 43.87
C LEU A 132 41.90 -18.69 43.21
N LEU A 133 43.00 -18.80 42.47
CA LEU A 133 43.29 -20.07 41.81
C LEU A 133 43.80 -21.09 42.81
N THR A 134 43.85 -20.66 44.07
CA THR A 134 44.26 -21.51 45.17
C THR A 134 42.99 -22.17 45.70
N ARG A 135 41.85 -21.52 45.44
CA ARG A 135 40.54 -21.99 45.88
C ARG A 135 39.69 -22.60 44.77
N PHE A 136 39.93 -22.21 43.52
CA PHE A 136 39.15 -22.75 42.41
C PHE A 136 40.03 -23.18 41.24
N ASP A 137 39.50 -24.07 40.40
CA ASP A 137 40.21 -24.54 39.23
C ASP A 137 39.80 -23.69 38.03
N HIS A 138 38.59 -23.17 38.10
CA HIS A 138 38.07 -22.34 37.02
C HIS A 138 37.22 -21.17 37.52
N ILE A 139 37.36 -20.05 36.84
CA ILE A 139 36.62 -18.84 37.12
C ILE A 139 35.94 -18.49 35.80
N ILE A 140 34.61 -18.53 35.79
CA ILE A 140 33.84 -18.29 34.57
C ILE A 140 33.06 -16.96 34.56
N PHE A 141 33.25 -16.19 33.49
CA PHE A 141 32.58 -14.89 33.33
C PHE A 141 31.53 -14.95 32.23
N ASP A 142 30.32 -14.47 32.50
CA ASP A 142 29.28 -14.53 31.48
C ASP A 142 29.23 -13.33 30.51
N THR A 143 30.29 -12.54 30.49
CA THR A 143 30.44 -11.45 29.55
C THR A 143 31.95 -11.26 29.45
N ALA A 144 32.41 -10.58 28.40
CA ALA A 144 33.83 -10.34 28.20
C ALA A 144 34.09 -8.87 27.88
N PRO A 145 35.30 -8.37 28.15
CA PRO A 145 35.52 -6.96 27.81
C PRO A 145 35.73 -6.81 26.31
N THR A 146 35.49 -5.61 25.79
CA THR A 146 35.65 -5.35 24.35
C THR A 146 37.08 -5.04 23.98
N GLY A 147 37.39 -5.17 22.70
CA GLY A 147 38.74 -4.87 22.25
C GLY A 147 39.03 -3.41 22.49
N HIS A 148 37.99 -2.58 22.35
CA HIS A 148 38.09 -1.15 22.56
C HIS A 148 38.62 -0.80 23.96
N THR A 149 38.01 -1.41 24.97
CA THR A 149 38.39 -1.17 26.36
C THR A 149 39.82 -1.64 26.63
N ILE A 150 40.18 -2.79 26.07
CA ILE A 150 41.52 -3.32 26.27
C ILE A 150 42.54 -2.39 25.62
N ARG A 151 42.26 -1.93 24.41
CA ARG A 151 43.16 -1.01 23.72
C ARG A 151 43.42 0.22 24.59
N LEU A 152 42.33 0.87 24.99
CA LEU A 152 42.39 2.06 25.83
C LEU A 152 43.34 1.94 27.03
N LEU A 153 43.24 0.83 27.74
CA LEU A 153 44.07 0.63 28.92
C LEU A 153 45.49 0.19 28.60
N GLN A 154 45.73 -0.21 27.36
CA GLN A 154 47.06 -0.64 27.00
C GLN A 154 47.83 0.50 26.31
N LEU A 155 47.13 1.61 26.04
CA LEU A 155 47.79 2.75 25.40
C LEU A 155 48.68 3.52 26.38
N PRO A 156 49.93 3.80 25.98
CA PRO A 156 50.83 4.54 26.86
C PRO A 156 50.21 5.90 27.19
N GLY A 157 49.65 6.53 26.16
CA GLY A 157 49.03 7.83 26.32
C GLY A 157 47.96 7.90 27.40
N ALA A 158 47.30 6.78 27.67
CA ALA A 158 46.27 6.73 28.69
C ALA A 158 46.88 6.95 30.08
N TRP A 159 48.20 6.79 30.17
CA TRP A 159 48.88 6.95 31.44
C TRP A 159 49.70 8.22 31.60
N SER A 160 50.26 8.71 30.49
CA SER A 160 51.10 9.91 30.55
C SER A 160 50.42 11.18 30.04
N SER A 161 49.28 11.05 29.39
CA SER A 161 48.58 12.20 28.83
C SER A 161 47.28 12.59 29.49
N PHE A 162 46.81 13.78 29.14
CA PHE A 162 45.54 14.29 29.63
C PHE A 162 44.89 15.05 28.49
N ILE A 163 43.58 14.90 28.34
CA ILE A 163 42.85 15.59 27.27
C ILE A 163 41.83 16.60 27.81
N ASP A 164 41.96 17.85 27.35
CA ASP A 164 41.07 18.94 27.76
C ASP A 164 39.61 18.54 27.88
N SER A 165 38.82 19.38 28.54
CA SER A 165 37.40 19.10 28.70
C SER A 165 36.62 19.88 27.65
N ASN A 166 36.62 19.37 26.43
CA ASN A 166 35.92 20.00 25.31
C ASN A 166 34.59 19.26 25.16
N PRO A 167 33.74 19.71 24.21
CA PRO A 167 32.45 19.07 24.00
C PRO A 167 32.46 17.87 23.03
N GLU A 168 33.40 17.91 22.09
CA GLU A 168 33.49 16.85 21.09
C GLU A 168 34.70 15.91 21.26
N GLY A 169 34.56 14.72 20.70
CA GLY A 169 35.63 13.73 20.75
C GLY A 169 35.88 13.00 22.06
N ALA A 170 36.84 13.50 22.84
CA ALA A 170 37.20 12.90 24.12
C ALA A 170 36.01 12.81 25.07
N SER A 171 34.82 13.08 24.55
CA SER A 171 33.61 13.03 25.34
C SER A 171 33.60 11.85 26.29
N CYS A 172 34.05 10.68 25.84
CA CYS A 172 34.05 9.50 26.68
C CYS A 172 35.36 9.13 27.39
N LEU A 173 36.37 10.00 27.35
CA LEU A 173 37.62 9.66 28.02
C LEU A 173 37.61 9.90 29.53
N GLY A 174 36.60 10.64 30.00
CA GLY A 174 36.48 10.95 31.43
C GLY A 174 36.68 9.79 32.41
N PRO A 175 36.17 8.59 32.13
CA PRO A 175 36.33 7.46 33.03
C PRO A 175 37.78 7.05 33.35
N MET A 176 38.70 7.25 32.42
CA MET A 176 40.11 6.88 32.62
C MET A 176 40.69 7.45 33.91
N ALA A 177 40.40 8.71 34.20
CA ALA A 177 40.90 9.35 35.41
C ALA A 177 40.37 8.67 36.67
N GLY A 178 39.44 7.73 36.50
CA GLY A 178 38.85 7.02 37.62
C GLY A 178 39.57 5.75 38.05
N LEU A 179 40.49 5.26 37.24
CA LEU A 179 41.24 4.05 37.58
C LEU A 179 42.08 4.31 38.82
N GLU A 180 42.02 3.40 39.78
CA GLU A 180 42.78 3.59 41.01
C GLU A 180 43.86 2.53 41.24
N LYS A 181 43.84 1.48 40.44
CA LYS A 181 44.84 0.43 40.55
C LYS A 181 46.06 0.95 39.80
N GLN A 182 47.22 0.42 40.13
CA GLN A 182 48.44 0.85 39.44
C GLN A 182 48.46 0.34 38.01
N ARG A 183 49.10 1.10 37.14
CA ARG A 183 49.21 0.74 35.74
C ARG A 183 49.59 -0.73 35.51
N GLU A 184 50.52 -1.24 36.32
CA GLU A 184 51.02 -2.60 36.20
C GLU A 184 49.96 -3.69 36.34
N GLN A 185 48.94 -3.46 37.17
CA GLN A 185 47.90 -4.46 37.35
C GLN A 185 47.04 -4.60 36.11
N TYR A 186 46.70 -3.47 35.49
CA TYR A 186 45.87 -3.50 34.29
C TYR A 186 46.62 -4.21 33.19
N ALA A 187 47.93 -3.97 33.09
CA ALA A 187 48.73 -4.62 32.06
C ALA A 187 48.85 -6.11 32.35
N TYR A 188 48.90 -6.44 33.64
CA TYR A 188 49.00 -7.82 34.07
C TYR A 188 47.71 -8.53 33.68
N ALA A 189 46.57 -7.88 33.94
CA ALA A 189 45.26 -8.43 33.60
C ALA A 189 45.19 -8.72 32.10
N VAL A 190 45.59 -7.74 31.28
CA VAL A 190 45.56 -7.91 29.84
C VAL A 190 46.50 -9.05 29.46
N GLU A 191 47.57 -9.20 30.23
CA GLU A 191 48.54 -10.25 30.00
C GLU A 191 47.85 -11.58 30.25
N ALA A 192 47.03 -11.63 31.29
CA ALA A 192 46.31 -12.84 31.63
C ALA A 192 45.27 -13.18 30.56
N LEU A 193 44.66 -12.14 29.99
CA LEU A 193 43.66 -12.36 28.95
C LEU A 193 44.31 -12.88 27.67
N SER A 194 45.51 -12.40 27.37
CA SER A 194 46.24 -12.77 26.16
C SER A 194 47.00 -14.08 26.27
N ASP A 195 46.98 -14.69 27.44
CA ASP A 195 47.69 -15.94 27.66
C ASP A 195 46.76 -17.12 27.46
N PRO A 196 46.93 -17.87 26.38
CA PRO A 196 46.06 -19.02 26.16
C PRO A 196 46.13 -20.07 27.27
N LYS A 197 47.23 -20.05 28.03
CA LYS A 197 47.40 -21.00 29.13
C LYS A 197 46.53 -20.63 30.32
N ARG A 198 46.07 -19.38 30.34
CA ARG A 198 45.24 -18.90 31.43
C ARG A 198 43.81 -18.52 31.06
N THR A 199 43.59 -18.03 29.85
CA THR A 199 42.27 -17.59 29.45
C THR A 199 41.74 -18.13 28.14
N ARG A 200 40.50 -18.59 28.15
CA ARG A 200 39.86 -19.08 26.94
C ARG A 200 38.63 -18.22 26.69
N LEU A 201 38.52 -17.73 25.47
CA LEU A 201 37.40 -16.87 25.07
C LEU A 201 36.43 -17.65 24.18
N VAL A 202 35.16 -17.68 24.57
CA VAL A 202 34.14 -18.38 23.80
C VAL A 202 33.19 -17.40 23.14
N LEU A 203 33.18 -17.37 21.81
CA LEU A 203 32.27 -16.47 21.10
C LEU A 203 30.93 -17.20 20.94
N VAL A 204 29.87 -16.62 21.50
CA VAL A 204 28.55 -17.21 21.39
C VAL A 204 27.78 -16.57 20.24
N ALA A 205 27.19 -17.40 19.38
CA ALA A 205 26.46 -16.86 18.26
C ALA A 205 25.21 -17.69 17.96
N ARG A 206 24.49 -17.28 16.93
CA ARG A 206 23.30 -17.97 16.51
C ARG A 206 23.49 -18.14 15.02
N LEU A 207 22.80 -19.11 14.43
CA LEU A 207 22.94 -19.32 13.01
C LEU A 207 22.16 -18.30 12.18
N GLN A 208 22.66 -17.07 12.17
CA GLN A 208 22.07 -15.99 11.39
C GLN A 208 23.18 -15.15 10.77
N LYS A 209 23.05 -14.90 9.47
CA LYS A 209 24.03 -14.14 8.70
C LYS A 209 24.43 -12.83 9.38
N SER A 210 23.44 -12.11 9.89
CA SER A 210 23.69 -10.84 10.56
C SER A 210 24.55 -10.99 11.82
N THR A 211 24.18 -11.96 12.67
CA THR A 211 24.89 -12.22 13.91
C THR A 211 26.30 -12.74 13.68
N LEU A 212 26.47 -13.65 12.72
CA LEU A 212 27.79 -14.20 12.44
C LEU A 212 28.73 -13.10 11.96
N GLN A 213 28.17 -12.09 11.32
CA GLN A 213 28.94 -10.95 10.83
C GLN A 213 29.62 -10.25 11.99
N GLU A 214 28.83 -9.94 13.01
CA GLU A 214 29.28 -9.27 14.22
C GLU A 214 30.30 -10.12 15.00
N VAL A 215 29.98 -11.40 15.19
CA VAL A 215 30.86 -12.29 15.91
C VAL A 215 32.22 -12.36 15.24
N ALA A 216 32.21 -12.48 13.92
CA ALA A 216 33.45 -12.52 13.15
C ALA A 216 34.25 -11.25 13.40
N ARG A 217 33.54 -10.14 13.58
CA ARG A 217 34.18 -8.84 13.83
C ARG A 217 34.86 -8.85 15.19
N THR A 218 34.14 -9.32 16.21
CA THR A 218 34.66 -9.39 17.56
C THR A 218 35.90 -10.26 17.61
N HIS A 219 35.83 -11.40 16.93
CA HIS A 219 36.93 -12.34 16.88
C HIS A 219 38.21 -11.67 16.40
N LEU A 220 38.12 -10.99 15.26
CA LEU A 220 39.28 -10.30 14.71
C LEU A 220 39.86 -9.26 15.65
N GLU A 221 39.00 -8.44 16.22
CA GLU A 221 39.47 -7.43 17.15
C GLU A 221 40.19 -7.99 18.38
N LEU A 222 39.59 -8.99 19.01
CA LEU A 222 40.18 -9.59 20.20
C LEU A 222 41.46 -10.37 19.88
N ALA A 223 41.57 -10.89 18.66
CA ALA A 223 42.76 -11.64 18.26
C ALA A 223 43.94 -10.70 18.05
N ALA A 224 43.71 -9.61 17.32
CA ALA A 224 44.77 -8.64 17.05
C ALA A 224 45.30 -8.11 18.37
N ILE A 225 44.42 -8.06 19.36
CA ILE A 225 44.76 -7.59 20.69
C ILE A 225 45.65 -8.59 21.40
N GLY A 226 45.48 -9.86 21.08
CA GLY A 226 46.29 -10.89 21.72
C GLY A 226 45.52 -12.10 22.20
N LEU A 227 44.20 -11.99 22.28
CA LEU A 227 43.41 -13.13 22.70
C LEU A 227 43.25 -14.04 21.51
N LYS A 228 44.06 -15.09 21.48
CA LYS A 228 43.99 -16.01 20.36
C LYS A 228 43.50 -17.40 20.76
N ASN A 229 43.06 -17.53 22.00
CA ASN A 229 42.51 -18.80 22.45
C ASN A 229 41.00 -18.61 22.40
N GLN A 230 40.46 -18.67 21.19
CA GLN A 230 39.03 -18.47 20.97
C GLN A 230 38.28 -19.70 20.46
N TYR A 231 37.06 -19.87 20.94
CA TYR A 231 36.18 -20.98 20.55
C TYR A 231 34.82 -20.45 20.16
N LEU A 232 34.23 -21.07 19.13
CA LEU A 232 32.93 -20.65 18.65
C LEU A 232 31.84 -21.60 19.12
N VAL A 233 30.80 -21.05 19.73
CA VAL A 233 29.68 -21.85 20.16
C VAL A 233 28.42 -21.27 19.54
N ILE A 234 27.81 -22.03 18.63
CA ILE A 234 26.59 -21.60 17.98
C ILE A 234 25.43 -22.20 18.78
N ASN A 235 24.68 -21.33 19.43
CA ASN A 235 23.57 -21.68 20.30
C ASN A 235 22.19 -21.64 19.63
N GLY A 236 21.23 -22.30 20.26
CA GLY A 236 19.86 -22.30 19.76
C GLY A 236 19.58 -22.83 18.36
N VAL A 237 20.46 -23.66 17.82
CA VAL A 237 20.27 -24.23 16.49
C VAL A 237 19.03 -25.13 16.42
N LEU A 238 18.30 -25.02 15.32
CA LEU A 238 17.07 -25.79 15.12
C LEU A 238 17.37 -27.20 14.59
N PRO A 239 16.90 -28.24 15.29
CA PRO A 239 17.15 -29.61 14.87
C PRO A 239 16.32 -30.00 13.63
N LYS A 240 16.98 -30.58 12.64
CA LYS A 240 16.32 -31.00 11.40
C LYS A 240 15.05 -31.82 11.64
N THR A 241 15.06 -32.57 12.75
CA THR A 241 13.91 -33.40 13.12
C THR A 241 12.76 -32.54 13.62
N GLU A 242 12.58 -31.38 13.00
CA GLU A 242 11.52 -30.46 13.36
C GLU A 242 11.06 -29.75 12.09
N ALA A 243 11.90 -29.81 11.07
CA ALA A 243 11.59 -29.20 9.78
C ALA A 243 10.64 -30.13 9.04
N ALA A 244 10.37 -31.28 9.66
CA ALA A 244 9.50 -32.31 9.10
C ALA A 244 8.15 -31.78 8.60
N ASN A 245 7.16 -31.77 9.48
CA ASN A 245 5.81 -31.31 9.12
C ASN A 245 5.72 -29.85 8.70
N ASP A 246 5.83 -28.94 9.66
CA ASP A 246 5.72 -27.50 9.41
C ASP A 246 6.57 -26.93 8.28
N THR A 247 6.08 -25.84 7.69
CA THR A 247 6.76 -25.18 6.57
C THR A 247 7.70 -24.05 7.03
N LEU A 248 7.35 -23.41 8.15
CA LEU A 248 8.18 -22.34 8.68
C LEU A 248 9.47 -22.94 9.24
N ALA A 249 9.33 -23.97 10.07
CA ALA A 249 10.46 -24.66 10.68
C ALA A 249 11.41 -25.15 9.60
N ALA A 250 10.84 -25.54 8.45
CA ALA A 250 11.62 -26.01 7.32
C ALA A 250 12.39 -24.86 6.68
N ALA A 251 11.76 -23.69 6.62
CA ALA A 251 12.38 -22.51 6.04
C ALA A 251 13.51 -22.03 6.94
N ILE A 252 13.31 -22.15 8.24
CA ILE A 252 14.30 -21.74 9.20
C ILE A 252 15.50 -22.68 9.13
N TRP A 253 15.25 -23.97 9.30
CA TRP A 253 16.31 -24.98 9.24
C TRP A 253 17.15 -24.74 7.99
N GLU A 254 16.49 -24.35 6.90
CA GLU A 254 17.17 -24.08 5.65
C GLU A 254 18.07 -22.85 5.75
N ARG A 255 17.51 -21.78 6.29
CA ARG A 255 18.23 -20.52 6.44
C ARG A 255 19.47 -20.71 7.33
N GLU A 256 19.34 -21.56 8.35
CA GLU A 256 20.46 -21.80 9.24
C GLU A 256 21.50 -22.68 8.58
N GLN A 257 21.06 -23.69 7.85
CA GLN A 257 21.96 -24.61 7.18
C GLN A 257 22.85 -23.94 6.14
N GLU A 258 22.31 -22.93 5.46
CA GLU A 258 23.08 -22.21 4.46
C GLU A 258 24.20 -21.46 5.18
N ALA A 259 23.83 -20.67 6.17
CA ALA A 259 24.79 -19.90 6.95
C ALA A 259 25.81 -20.82 7.60
N LEU A 260 25.33 -21.81 8.34
CA LEU A 260 26.18 -22.77 9.03
C LEU A 260 27.25 -23.31 8.10
N ALA A 261 26.91 -23.43 6.83
CA ALA A 261 27.82 -23.94 5.81
C ALA A 261 28.61 -22.79 5.17
N ASN A 262 28.01 -21.60 5.16
CA ASN A 262 28.65 -20.43 4.57
C ASN A 262 29.14 -19.49 5.66
N LEU A 263 29.70 -20.05 6.72
CA LEU A 263 30.20 -19.27 7.84
C LEU A 263 31.26 -18.28 7.38
N PRO A 264 31.27 -17.07 7.95
CA PRO A 264 32.29 -16.11 7.54
C PRO A 264 33.69 -16.73 7.61
N ALA A 265 34.51 -16.41 6.61
CA ALA A 265 35.86 -16.92 6.50
C ALA A 265 36.69 -16.94 7.78
N ASP A 266 36.74 -15.81 8.48
CA ASP A 266 37.52 -15.68 9.71
C ASP A 266 37.15 -16.70 10.80
N LEU A 267 35.87 -17.04 10.88
CA LEU A 267 35.41 -17.98 11.89
C LEU A 267 35.60 -19.43 11.48
N ALA A 268 35.93 -19.66 10.21
CA ALA A 268 36.10 -21.01 9.69
C ALA A 268 37.16 -21.85 10.39
N GLY A 269 38.34 -21.27 10.60
CA GLY A 269 39.40 -22.03 11.26
C GLY A 269 39.28 -22.08 12.76
N LEU A 270 38.07 -21.83 13.26
CA LEU A 270 37.84 -21.83 14.69
C LEU A 270 37.14 -23.10 15.18
N PRO A 271 37.60 -23.66 16.31
CA PRO A 271 36.94 -24.86 16.81
C PRO A 271 35.50 -24.44 17.09
N THR A 272 34.55 -25.22 16.59
CA THR A 272 33.14 -24.87 16.70
C THR A 272 32.23 -25.98 17.27
N ASP A 273 31.29 -25.58 18.13
CA ASP A 273 30.33 -26.52 18.70
C ASP A 273 28.96 -25.88 18.52
N THR A 274 27.92 -26.69 18.40
CA THR A 274 26.59 -26.15 18.22
C THR A 274 25.69 -26.68 19.31
N LEU A 275 24.82 -25.82 19.83
CA LEU A 275 23.88 -26.23 20.88
C LEU A 275 22.50 -26.17 20.25
N PHE A 276 21.57 -26.96 20.77
CA PHE A 276 20.22 -26.99 20.21
C PHE A 276 19.23 -26.11 20.92
N LEU A 277 18.26 -25.63 20.15
CA LEU A 277 17.20 -24.79 20.66
C LEU A 277 16.37 -25.63 21.65
N GLN A 278 16.38 -25.22 22.90
CA GLN A 278 15.63 -25.92 23.95
C GLN A 278 14.17 -25.50 24.01
N PRO A 279 13.29 -26.43 24.37
CA PRO A 279 11.84 -26.22 24.48
C PRO A 279 11.44 -25.14 25.47
N VAL A 280 12.00 -25.22 26.67
CA VAL A 280 11.69 -24.25 27.72
C VAL A 280 12.94 -23.50 28.13
N ASN A 281 12.79 -22.24 28.54
CA ASN A 281 13.94 -21.47 28.98
C ASN A 281 14.47 -22.14 30.23
N MET A 282 15.71 -22.61 30.17
CA MET A 282 16.33 -23.29 31.31
C MET A 282 16.12 -22.52 32.60
N VAL A 283 15.78 -23.24 33.66
CA VAL A 283 15.54 -22.61 34.94
C VAL A 283 16.10 -23.44 36.09
N GLY A 284 16.60 -24.63 35.77
CA GLY A 284 17.16 -25.47 36.82
C GLY A 284 18.36 -26.27 36.35
N VAL A 285 19.04 -26.91 37.30
CA VAL A 285 20.21 -27.72 37.00
C VAL A 285 19.91 -28.71 35.87
N SER A 286 18.74 -29.34 35.97
CA SER A 286 18.30 -30.32 34.99
C SER A 286 18.23 -29.70 33.60
N ALA A 287 17.40 -28.66 33.48
CA ALA A 287 17.21 -27.95 32.20
C ALA A 287 18.51 -27.45 31.60
N LEU A 288 19.34 -26.84 32.44
CA LEU A 288 20.63 -26.30 32.00
C LEU A 288 21.55 -27.38 31.45
N SER A 289 21.69 -28.47 32.18
CA SER A 289 22.55 -29.57 31.76
C SER A 289 22.11 -30.15 30.41
N ARG A 290 20.80 -30.16 30.18
CA ARG A 290 20.22 -30.68 28.95
C ARG A 290 20.72 -29.88 27.73
N LEU A 291 21.09 -28.62 27.97
CA LEU A 291 21.58 -27.73 26.92
C LEU A 291 22.86 -28.22 26.25
N LEU A 292 23.73 -28.87 27.02
CA LEU A 292 25.01 -29.36 26.51
C LEU A 292 24.98 -30.71 25.79
N SER A 293 23.80 -31.22 25.47
CA SER A 293 23.68 -32.52 24.79
C SER A 293 24.04 -32.45 23.31
N THR A 294 24.50 -33.58 22.78
CA THR A 294 24.89 -33.68 21.39
C THR A 294 23.73 -34.14 20.50
N GLN A 295 22.60 -34.44 21.14
CA GLN A 295 21.41 -34.88 20.40
C GLN A 295 20.11 -34.31 20.95
N PRO A 296 19.24 -33.81 20.08
CA PRO A 296 17.94 -33.24 20.47
C PRO A 296 17.11 -34.19 21.33
N ARG A 309 -2.88 -17.04 21.32
CA ARG A 309 -2.12 -15.93 20.75
C ARG A 309 -2.37 -14.62 21.46
N PRO A 310 -1.29 -13.88 21.78
CA PRO A 310 -1.36 -12.59 22.48
C PRO A 310 -2.22 -11.53 21.81
N ASP A 311 -2.83 -10.71 22.67
CA ASP A 311 -3.70 -9.62 22.27
C ASP A 311 -2.86 -8.36 22.04
N ILE A 312 -2.07 -8.38 20.98
CA ILE A 312 -1.24 -7.24 20.63
C ILE A 312 -1.41 -6.93 19.15
N PRO A 313 -1.73 -5.67 18.82
CA PRO A 313 -1.94 -5.19 17.45
C PRO A 313 -0.74 -5.38 16.53
N SER A 314 -1.00 -5.39 15.23
CA SER A 314 0.03 -5.55 14.22
C SER A 314 0.78 -4.23 14.03
N LEU A 315 1.90 -4.28 13.31
CA LEU A 315 2.69 -3.09 13.03
C LEU A 315 1.76 -2.09 12.34
N SER A 316 0.89 -2.62 11.50
CA SER A 316 -0.09 -1.84 10.75
C SER A 316 -0.87 -0.87 11.64
N ALA A 317 -1.27 -1.32 12.82
CA ALA A 317 -2.01 -0.48 13.73
C ALA A 317 -1.13 0.66 14.24
N LEU A 318 0.14 0.37 14.54
CA LEU A 318 1.08 1.41 15.00
C LEU A 318 1.20 2.47 13.91
N VAL A 319 1.40 2.02 12.68
CA VAL A 319 1.54 2.94 11.57
C VAL A 319 0.29 3.78 11.31
N ASP A 320 -0.90 3.19 11.49
CA ASP A 320 -2.11 3.97 11.25
C ASP A 320 -2.13 5.15 12.21
N ASP A 321 -1.63 4.93 13.42
CA ASP A 321 -1.60 5.99 14.41
C ASP A 321 -0.47 6.97 14.15
N ILE A 322 0.62 6.50 13.57
CA ILE A 322 1.73 7.38 13.21
C ILE A 322 1.23 8.28 12.08
N ALA A 323 0.38 7.70 11.23
CA ALA A 323 -0.20 8.40 10.08
C ALA A 323 -1.20 9.53 10.38
N ARG A 324 -1.85 9.52 11.54
CA ARG A 324 -2.83 10.55 11.87
C ARG A 324 -2.39 11.99 11.63
N ASN A 325 -1.25 12.39 12.22
CA ASN A 325 -0.74 13.76 12.04
C ASN A 325 -0.34 14.05 10.60
N GLU A 326 -0.01 13.01 9.85
CA GLU A 326 0.39 13.12 8.45
C GLU A 326 1.77 13.71 8.19
N HIS A 327 2.62 13.66 9.20
CA HIS A 327 4.00 14.14 9.11
C HIS A 327 4.68 13.85 10.44
N GLY A 328 6.01 13.92 10.45
CA GLY A 328 6.71 13.68 11.70
C GLY A 328 8.03 12.93 11.56
N LEU A 329 8.90 13.14 12.53
CA LEU A 329 10.19 12.47 12.55
C LEU A 329 9.95 11.13 13.25
N ILE A 330 10.23 10.05 12.53
CA ILE A 330 10.04 8.70 13.08
C ILE A 330 11.40 8.04 13.25
N MET A 331 11.82 7.90 14.49
CA MET A 331 13.12 7.32 14.78
C MET A 331 13.05 5.96 15.43
N LEU A 332 13.66 4.97 14.79
CA LEU A 332 13.68 3.65 15.35
C LEU A 332 14.95 3.44 16.14
N MET A 333 14.79 2.97 17.38
CA MET A 333 15.93 2.75 18.25
C MET A 333 15.96 1.33 18.83
N GLY A 334 17.12 0.93 19.33
CA GLY A 334 17.26 -0.39 19.90
C GLY A 334 18.69 -0.89 19.78
N LYS A 335 18.96 -2.04 20.38
CA LYS A 335 20.29 -2.62 20.34
C LYS A 335 20.61 -3.09 18.93
N GLY A 336 21.86 -3.47 18.71
CA GLY A 336 22.26 -3.94 17.40
C GLY A 336 21.53 -5.20 17.02
N GLY A 337 21.20 -5.32 15.73
CA GLY A 337 20.53 -6.52 15.23
C GLY A 337 19.06 -6.79 15.54
N VAL A 338 18.40 -5.96 16.35
CA VAL A 338 17.00 -6.25 16.66
C VAL A 338 16.03 -6.08 15.47
N GLY A 339 16.46 -5.41 14.41
CA GLY A 339 15.60 -5.22 13.26
C GLY A 339 15.18 -3.77 13.04
N LYS A 340 16.03 -2.85 13.50
CA LYS A 340 15.74 -1.43 13.35
C LYS A 340 15.57 -1.05 11.91
N THR A 341 16.54 -1.40 11.08
CA THR A 341 16.49 -1.08 9.66
C THR A 341 15.27 -1.68 8.92
N THR A 342 14.89 -2.90 9.27
CA THR A 342 13.75 -3.54 8.62
C THR A 342 12.43 -2.86 9.00
N MET A 343 12.28 -2.51 10.27
CA MET A 343 11.07 -1.86 10.72
C MET A 343 11.03 -0.48 10.08
N ALA A 344 12.17 0.21 10.03
CA ALA A 344 12.22 1.53 9.43
C ALA A 344 11.76 1.44 7.98
N ALA A 345 12.20 0.40 7.29
CA ALA A 345 11.84 0.20 5.89
C ALA A 345 10.36 -0.15 5.76
N ALA A 346 9.91 -1.07 6.60
CA ALA A 346 8.53 -1.50 6.59
C ALA A 346 7.61 -0.32 6.86
N ILE A 347 7.95 0.50 7.85
CA ILE A 347 7.11 1.64 8.19
C ILE A 347 7.07 2.63 7.05
N ALA A 348 8.23 2.95 6.49
CA ALA A 348 8.31 3.91 5.39
C ALA A 348 7.54 3.45 4.14
N VAL A 349 7.47 2.14 3.94
CA VAL A 349 6.76 1.61 2.78
C VAL A 349 5.24 1.73 2.95
N ARG A 350 4.74 1.30 4.11
CA ARG A 350 3.32 1.39 4.39
C ARG A 350 2.83 2.85 4.39
N LEU A 351 3.63 3.76 4.98
CA LEU A 351 3.26 5.18 5.04
C LEU A 351 3.15 5.74 3.63
N ALA A 352 4.06 5.31 2.77
CA ALA A 352 4.06 5.76 1.39
C ALA A 352 2.84 5.20 0.65
N ASP A 353 2.50 3.94 0.90
CA ASP A 353 1.34 3.37 0.23
C ASP A 353 0.03 3.98 0.73
N MET A 354 0.09 4.69 1.85
CA MET A 354 -1.07 5.38 2.38
C MET A 354 -1.17 6.75 1.70
N GLY A 355 -0.19 7.03 0.83
CA GLY A 355 -0.18 8.28 0.09
C GLY A 355 0.55 9.47 0.66
N PHE A 356 1.52 9.26 1.55
CA PHE A 356 2.29 10.37 2.14
C PHE A 356 3.73 10.47 1.63
N ASP A 357 4.26 11.70 1.61
CA ASP A 357 5.66 11.93 1.20
C ASP A 357 6.55 11.41 2.32
N VAL A 358 7.32 10.37 2.03
CA VAL A 358 8.18 9.76 3.03
C VAL A 358 9.64 9.77 2.62
N HIS A 359 10.50 10.18 3.54
CA HIS A 359 11.92 10.17 3.29
C HIS A 359 12.57 9.23 4.30
N LEU A 360 12.97 8.05 3.83
CA LEU A 360 13.61 7.06 4.67
C LEU A 360 15.11 7.27 4.64
N THR A 361 15.77 7.18 5.78
CA THR A 361 17.23 7.32 5.81
C THR A 361 17.82 6.09 6.48
N THR A 362 18.85 5.52 5.87
CA THR A 362 19.46 4.34 6.45
C THR A 362 20.98 4.44 6.49
N SER A 363 21.59 3.55 7.25
CA SER A 363 23.03 3.51 7.39
C SER A 363 23.50 2.12 7.00
N ASP A 364 22.75 1.49 6.09
CA ASP A 364 23.05 0.14 5.62
C ASP A 364 22.52 -0.06 4.19
N PRO A 365 23.28 -0.78 3.35
CA PRO A 365 22.82 -1.01 1.97
C PRO A 365 21.63 -1.97 1.81
N ALA A 366 20.67 -1.56 0.98
CA ALA A 366 19.47 -2.37 0.71
C ALA A 366 18.88 -2.02 -0.66
N LEU A 377 6.27 3.54 -4.09
CA LEU A 377 6.89 3.86 -5.37
C LEU A 377 7.58 5.23 -5.33
N ASN A 378 7.41 6.03 -6.38
CA ASN A 378 8.05 7.35 -6.44
C ASN A 378 7.72 8.21 -5.23
N ASN A 379 6.67 7.81 -4.52
CA ASN A 379 6.19 8.52 -3.33
C ASN A 379 7.20 8.45 -2.17
N LEU A 380 8.12 7.50 -2.27
CA LEU A 380 9.13 7.29 -1.23
C LEU A 380 10.56 7.50 -1.73
N GLN A 381 11.34 8.29 -1.00
CA GLN A 381 12.71 8.49 -1.41
C GLN A 381 13.64 7.95 -0.32
N VAL A 382 14.76 7.36 -0.73
CA VAL A 382 15.71 6.79 0.23
C VAL A 382 17.08 7.45 0.20
N SER A 383 17.52 7.90 1.37
CA SER A 383 18.84 8.52 1.50
C SER A 383 19.77 7.57 2.25
N ARG A 384 20.76 7.05 1.54
CA ARG A 384 21.70 6.12 2.13
C ARG A 384 22.93 6.88 2.59
N ILE A 385 23.40 6.58 3.78
CA ILE A 385 24.60 7.22 4.28
C ILE A 385 25.59 6.16 4.70
N ASP A 386 26.86 6.39 4.37
CA ASP A 386 27.91 5.46 4.72
C ASP A 386 28.42 5.90 6.07
N PRO A 387 28.20 5.08 7.12
CA PRO A 387 28.67 5.43 8.46
C PRO A 387 30.19 5.54 8.55
N HIS A 388 30.89 4.72 7.77
CA HIS A 388 32.35 4.74 7.79
C HIS A 388 32.87 6.12 7.42
N GLU A 389 32.38 6.70 6.32
CA GLU A 389 32.87 8.01 5.93
C GLU A 389 32.38 9.15 6.80
N GLU A 390 31.21 9.01 7.39
CA GLU A 390 30.70 10.04 8.27
C GLU A 390 31.58 10.01 9.52
N THR A 391 31.84 8.81 10.03
CA THR A 391 32.66 8.66 11.21
C THR A 391 34.04 9.28 10.98
N GLU A 392 34.62 9.04 9.81
CA GLU A 392 35.94 9.59 9.50
C GLU A 392 35.94 11.11 9.36
N ARG A 393 34.88 11.65 8.77
CA ARG A 393 34.78 13.10 8.62
C ARG A 393 34.75 13.66 10.04
N TYR A 394 34.04 12.96 10.92
CA TYR A 394 33.92 13.36 12.31
C TYR A 394 35.27 13.26 13.02
N ARG A 395 35.85 12.07 13.03
CA ARG A 395 37.14 11.83 13.67
C ARG A 395 38.16 12.85 13.19
N GLN A 396 38.19 13.09 11.88
CA GLN A 396 39.11 14.05 11.29
C GLN A 396 38.88 15.44 11.89
N HIS A 397 37.61 15.81 12.02
CA HIS A 397 37.24 17.11 12.58
C HIS A 397 37.64 17.25 14.06
N VAL A 398 37.35 16.23 14.85
CA VAL A 398 37.70 16.26 16.28
C VAL A 398 39.21 16.30 16.50
N LEU A 399 39.98 15.85 15.50
CA LEU A 399 41.44 15.82 15.61
C LEU A 399 42.13 17.16 15.33
N GLU A 400 41.53 17.97 14.46
CA GLU A 400 42.10 19.27 14.14
C GLU A 400 41.78 20.18 15.34
N THR A 401 40.66 19.86 16.00
CA THR A 401 40.19 20.63 17.15
C THR A 401 40.93 20.32 18.46
N LYS A 402 40.93 19.06 18.89
CA LYS A 402 41.55 18.68 20.15
C LYS A 402 42.99 18.19 20.11
N GLY A 403 43.34 17.39 19.12
CA GLY A 403 44.69 16.87 19.04
C GLY A 403 45.74 17.94 18.80
N LYS A 404 45.26 19.13 18.44
CA LYS A 404 46.11 20.28 18.16
C LYS A 404 47.36 20.34 19.04
N GLU A 405 47.18 20.36 20.35
CA GLU A 405 48.33 20.45 21.25
C GLU A 405 48.64 19.15 22.01
N LEU A 406 48.21 18.01 21.48
CA LEU A 406 48.48 16.74 22.13
C LEU A 406 49.77 16.17 21.56
N ASP A 407 50.49 15.38 22.35
CA ASP A 407 51.71 14.77 21.83
C ASP A 407 51.25 13.48 21.12
N GLU A 408 52.11 12.84 20.34
CA GLU A 408 51.70 11.65 19.59
C GLU A 408 50.97 10.56 20.39
N ALA A 409 51.47 10.28 21.59
CA ALA A 409 50.87 9.28 22.45
C ALA A 409 49.44 9.68 22.77
N GLY A 410 49.24 10.95 23.05
CA GLY A 410 47.91 11.45 23.36
C GLY A 410 46.97 11.39 22.18
N LYS A 411 47.50 11.68 20.98
CA LYS A 411 46.70 11.64 19.78
C LYS A 411 46.15 10.22 19.58
N ARG A 412 46.98 9.22 19.84
CA ARG A 412 46.55 7.83 19.70
C ARG A 412 45.45 7.54 20.73
N LEU A 413 45.55 8.15 21.90
CA LEU A 413 44.53 7.94 22.93
C LEU A 413 43.22 8.53 22.40
N LEU A 414 43.31 9.75 21.86
CA LEU A 414 42.16 10.43 21.29
C LEU A 414 41.56 9.64 20.13
N GLU A 415 42.41 9.02 19.33
CA GLU A 415 41.94 8.24 18.20
C GLU A 415 41.24 6.95 18.63
N GLU A 416 41.61 6.43 19.80
CA GLU A 416 40.99 5.21 20.30
C GLU A 416 39.64 5.58 20.91
N ASP A 417 39.58 6.76 21.52
CA ASP A 417 38.34 7.23 22.13
C ASP A 417 37.33 7.46 21.00
N LEU A 418 37.83 7.95 19.86
CA LEU A 418 37.01 8.20 18.68
C LEU A 418 36.78 6.88 17.94
N ARG A 419 37.05 5.79 18.64
CA ARG A 419 36.89 4.44 18.12
C ARG A 419 35.70 3.84 18.90
N SER A 420 35.16 4.59 19.84
CA SER A 420 34.02 4.15 20.64
C SER A 420 32.76 3.97 19.78
N PRO A 421 31.85 3.10 20.22
CA PRO A 421 30.60 2.84 19.50
C PRO A 421 29.87 4.15 19.25
N CYS A 422 29.83 4.97 20.29
CA CYS A 422 29.13 6.24 20.23
C CYS A 422 29.68 7.24 19.24
N THR A 423 30.91 7.04 18.78
CA THR A 423 31.47 7.98 17.82
C THR A 423 30.70 7.89 16.51
N GLU A 424 30.49 6.67 16.02
CA GLU A 424 29.76 6.42 14.78
C GLU A 424 28.31 6.89 14.99
N GLU A 425 27.75 6.46 16.11
CA GLU A 425 26.40 6.81 16.52
C GLU A 425 26.21 8.33 16.38
N ILE A 426 27.20 9.10 16.85
CA ILE A 426 27.16 10.57 16.77
C ILE A 426 27.31 11.07 15.34
N ALA A 427 28.28 10.51 14.62
CA ALA A 427 28.54 10.91 13.25
C ALA A 427 27.36 10.64 12.32
N VAL A 428 26.70 9.49 12.49
CA VAL A 428 25.55 9.15 11.66
C VAL A 428 24.36 10.07 11.97
N PHE A 429 24.14 10.38 13.24
CA PHE A 429 23.05 11.25 13.63
C PHE A 429 23.26 12.63 13.00
N GLN A 430 24.49 13.11 13.04
CA GLN A 430 24.81 14.42 12.46
C GLN A 430 24.51 14.42 10.97
N ALA A 431 24.75 13.29 10.31
CA ALA A 431 24.49 13.19 8.89
C ALA A 431 22.98 13.26 8.67
N PHE A 432 22.23 12.44 9.41
CA PHE A 432 20.77 12.42 9.31
C PHE A 432 20.19 13.81 9.53
N SER A 433 20.69 14.48 10.56
CA SER A 433 20.26 15.83 10.91
C SER A 433 20.20 16.76 9.70
N ARG A 434 20.97 16.44 8.67
CA ARG A 434 20.98 17.24 7.45
C ARG A 434 19.57 17.36 6.89
N VAL A 435 18.82 16.26 6.94
CA VAL A 435 17.46 16.24 6.40
C VAL A 435 16.32 16.30 7.40
N ILE A 436 16.64 16.27 8.70
CA ILE A 436 15.59 16.32 9.71
C ILE A 436 14.66 17.52 9.54
N ARG A 437 15.10 18.53 8.79
CA ARG A 437 14.30 19.73 8.57
C ARG A 437 13.04 19.48 7.74
N GLU A 438 12.99 18.32 7.08
CA GLU A 438 11.86 17.97 6.24
C GLU A 438 10.72 17.29 7.01
N ALA A 439 10.99 16.90 8.25
CA ALA A 439 9.99 16.24 9.09
C ALA A 439 8.78 17.13 9.33
N GLY A 440 8.88 18.39 8.94
CA GLY A 440 7.78 19.33 9.14
C GLY A 440 6.73 19.23 8.05
N LYS A 441 7.16 19.00 6.81
CA LYS A 441 6.24 18.91 5.69
C LYS A 441 5.80 17.46 5.45
N ARG A 442 6.64 16.51 5.82
CA ARG A 442 6.33 15.10 5.60
C ARG A 442 6.86 14.15 6.66
N PHE A 443 7.09 12.90 6.24
CA PHE A 443 7.60 11.89 7.14
C PHE A 443 9.07 11.56 6.90
N VAL A 444 9.84 11.53 7.97
CA VAL A 444 11.25 11.18 7.89
C VAL A 444 11.40 10.01 8.84
N VAL A 445 11.86 8.89 8.30
CA VAL A 445 12.03 7.68 9.09
C VAL A 445 13.50 7.36 9.18
N MET A 446 14.02 7.23 10.40
CA MET A 446 15.44 6.91 10.61
C MET A 446 15.54 5.55 11.27
N ASP A 447 16.56 4.78 10.93
CA ASP A 447 16.71 3.43 11.48
C ASP A 447 17.74 3.28 12.58
N THR A 448 18.23 4.39 13.10
CA THR A 448 19.21 4.36 14.18
C THR A 448 19.31 5.75 14.84
N ALA A 449 19.66 5.77 16.12
CA ALA A 449 19.80 7.03 16.84
C ALA A 449 20.80 6.93 18.00
N PRO A 450 21.27 8.08 18.51
CA PRO A 450 22.24 8.07 19.62
C PRO A 450 21.48 7.79 20.93
N THR A 451 22.22 7.45 21.97
CA THR A 451 21.61 7.15 23.26
C THR A 451 21.19 8.42 24.00
N GLY A 452 20.47 8.26 25.10
CA GLY A 452 20.06 9.43 25.86
C GLY A 452 21.29 10.18 26.33
N HIS A 453 22.25 9.43 26.88
CA HIS A 453 23.51 9.98 27.36
C HIS A 453 24.16 10.81 26.27
N THR A 454 24.31 10.23 25.08
CA THR A 454 24.93 10.94 23.99
C THR A 454 24.17 12.18 23.54
N LEU A 455 22.83 12.12 23.50
CA LEU A 455 22.09 13.31 23.10
C LEU A 455 22.32 14.42 24.13
N LEU A 456 22.32 14.06 25.42
CA LEU A 456 22.56 15.02 26.50
C LEU A 456 23.96 15.62 26.34
N LEU A 457 24.92 14.79 25.97
CA LEU A 457 26.29 15.25 25.78
C LEU A 457 26.34 16.26 24.64
N LEU A 458 25.79 15.88 23.49
CA LEU A 458 25.76 16.75 22.30
C LEU A 458 25.02 18.03 22.57
N ASP A 459 24.00 17.97 23.42
CA ASP A 459 23.22 19.14 23.74
C ASP A 459 24.08 20.19 24.44
N ALA A 460 25.00 19.73 25.28
CA ALA A 460 25.89 20.63 26.01
C ALA A 460 26.86 21.33 25.06
N THR A 461 27.15 20.71 23.93
CA THR A 461 28.05 21.31 22.93
C THR A 461 27.64 22.75 22.65
N THR A 479 23.79 22.69 17.15
CA THR A 479 24.06 21.47 16.39
C THR A 479 22.93 20.45 16.54
N THR A 480 22.64 20.10 17.79
CA THR A 480 21.59 19.12 18.10
C THR A 480 20.18 19.72 18.16
N PRO A 481 19.22 19.10 17.46
CA PRO A 481 17.83 19.58 17.46
C PRO A 481 17.07 18.96 18.65
N MET A 482 17.70 19.03 19.82
CA MET A 482 17.14 18.48 21.06
C MET A 482 15.67 18.75 21.28
N MET A 483 15.27 20.01 21.12
CA MET A 483 13.88 20.39 21.32
C MET A 483 12.94 19.61 20.41
N LEU A 484 13.34 19.44 19.16
CA LEU A 484 12.55 18.70 18.20
C LEU A 484 12.35 17.26 18.67
N LEU A 485 13.44 16.59 19.05
CA LEU A 485 13.38 15.21 19.52
C LEU A 485 12.50 15.05 20.76
N GLN A 486 12.49 16.08 21.59
CA GLN A 486 11.69 16.05 22.82
C GLN A 486 10.21 16.37 22.61
N ASP A 487 9.89 17.00 21.50
CA ASP A 487 8.50 17.34 21.21
C ASP A 487 7.73 16.11 20.74
N PRO A 488 6.71 15.70 21.51
CA PRO A 488 5.88 14.53 21.20
C PRO A 488 5.05 14.63 19.92
N GLU A 489 4.80 15.84 19.44
CA GLU A 489 4.00 16.03 18.24
C GLU A 489 4.85 16.09 16.98
N ARG A 490 6.14 16.33 17.15
CA ARG A 490 7.07 16.42 16.03
C ARG A 490 7.87 15.14 15.86
N THR A 491 8.20 14.51 16.99
CA THR A 491 9.01 13.31 16.95
C THR A 491 8.36 12.11 17.63
N LYS A 492 8.50 10.95 17.00
CA LYS A 492 7.97 9.71 17.54
C LYS A 492 9.09 8.70 17.56
N VAL A 493 9.63 8.44 18.74
CA VAL A 493 10.72 7.48 18.89
C VAL A 493 10.12 6.09 19.15
N LEU A 494 10.56 5.10 18.37
CA LEU A 494 10.07 3.75 18.55
C LEU A 494 11.21 2.83 19.00
N LEU A 495 10.92 2.00 20.00
CA LEU A 495 11.93 1.08 20.50
C LEU A 495 11.66 -0.31 19.95
N VAL A 496 12.64 -0.87 19.24
CA VAL A 496 12.49 -2.22 18.67
C VAL A 496 13.22 -3.22 19.57
N THR A 497 12.57 -4.34 19.87
CA THR A 497 13.19 -5.37 20.71
C THR A 497 12.74 -6.76 20.26
N LEU A 498 13.10 -7.76 21.04
CA LEU A 498 12.73 -9.12 20.74
C LEU A 498 11.92 -9.62 21.93
N PRO A 499 11.03 -10.61 21.70
CA PRO A 499 10.18 -11.17 22.76
C PRO A 499 11.00 -12.05 23.70
N GLU A 500 12.16 -11.54 24.09
CA GLU A 500 13.07 -12.28 24.94
C GLU A 500 13.53 -11.46 26.12
N THR A 501 13.87 -12.16 27.21
CA THR A 501 14.31 -11.53 28.46
C THR A 501 15.40 -10.46 28.36
N THR A 502 16.61 -10.83 27.99
CA THR A 502 17.69 -9.86 27.91
C THR A 502 17.38 -8.67 26.97
N PRO A 503 16.95 -8.95 25.73
CA PRO A 503 16.63 -7.85 24.81
C PRO A 503 15.62 -6.86 25.39
N VAL A 504 14.59 -7.37 26.06
CA VAL A 504 13.59 -6.48 26.65
C VAL A 504 14.22 -5.63 27.75
N LEU A 505 15.12 -6.24 28.51
CA LEU A 505 15.79 -5.53 29.59
C LEU A 505 16.64 -4.42 29.02
N GLU A 506 17.47 -4.74 28.04
CA GLU A 506 18.34 -3.77 27.40
C GLU A 506 17.49 -2.68 26.74
N ALA A 507 16.33 -3.06 26.23
CA ALA A 507 15.43 -2.08 25.59
C ALA A 507 14.93 -1.14 26.69
N ALA A 508 14.47 -1.72 27.78
CA ALA A 508 13.97 -0.91 28.89
C ALA A 508 15.01 0.13 29.34
N ASN A 509 16.25 -0.31 29.50
CA ASN A 509 17.31 0.59 29.93
C ASN A 509 17.62 1.70 28.93
N LEU A 510 17.49 1.39 27.65
CA LEU A 510 17.70 2.38 26.61
C LEU A 510 16.65 3.47 26.84
N GLN A 511 15.41 3.03 27.03
CA GLN A 511 14.29 3.94 27.24
C GLN A 511 14.52 4.85 28.43
N ALA A 512 14.94 4.28 29.55
CA ALA A 512 15.19 5.08 30.75
C ALA A 512 16.25 6.14 30.45
N ASP A 513 17.27 5.78 29.69
CA ASP A 513 18.33 6.73 29.36
C ASP A 513 17.75 7.85 28.51
N LEU A 514 16.95 7.48 27.51
CA LEU A 514 16.34 8.47 26.62
C LEU A 514 15.45 9.40 27.43
N GLU A 515 14.74 8.84 28.40
CA GLU A 515 13.87 9.65 29.24
C GLU A 515 14.66 10.68 30.05
N ARG A 516 15.88 10.34 30.43
CA ARG A 516 16.71 11.28 31.19
C ARG A 516 17.03 12.48 30.30
N ALA A 517 16.95 12.27 28.98
CA ALA A 517 17.22 13.33 28.01
C ALA A 517 15.92 14.01 27.58
N GLY A 518 14.85 13.76 28.32
CA GLY A 518 13.57 14.37 28.00
C GLY A 518 12.84 13.75 26.81
N ILE A 519 13.27 12.58 26.38
CA ILE A 519 12.65 11.90 25.25
C ILE A 519 11.92 10.65 25.75
N HIS A 520 10.62 10.59 25.49
CA HIS A 520 9.81 9.45 25.93
C HIS A 520 9.38 8.65 24.70
N PRO A 521 9.96 7.45 24.51
CA PRO A 521 9.57 6.67 23.33
C PRO A 521 8.05 6.65 23.17
N TRP A 522 7.59 6.72 21.94
CA TRP A 522 6.16 6.75 21.64
C TRP A 522 5.56 5.34 21.53
N GLY A 523 6.39 4.34 21.24
CA GLY A 523 5.89 2.99 21.13
C GLY A 523 6.96 1.94 20.98
N TRP A 524 6.62 0.68 21.24
CA TRP A 524 7.59 -0.39 21.12
C TRP A 524 7.15 -1.38 20.02
N ILE A 525 8.15 -1.89 19.31
CA ILE A 525 7.93 -2.88 18.27
C ILE A 525 8.66 -4.15 18.71
N ILE A 526 7.91 -5.21 18.95
CA ILE A 526 8.48 -6.50 19.34
C ILE A 526 8.62 -7.28 18.03
N ASN A 527 9.84 -7.42 17.54
CA ASN A 527 10.13 -8.11 16.28
C ASN A 527 10.47 -9.58 16.48
N ASN A 528 10.43 -10.35 15.39
CA ASN A 528 10.73 -11.79 15.44
C ASN A 528 9.89 -12.60 16.42
N SER A 529 8.57 -12.45 16.34
CA SER A 529 7.70 -13.20 17.25
C SER A 529 7.14 -14.47 16.63
N LEU A 530 7.29 -15.58 17.35
CA LEU A 530 6.78 -16.87 16.90
C LEU A 530 5.30 -17.01 17.26
N SER A 531 4.85 -16.22 18.22
CA SER A 531 3.46 -16.26 18.67
C SER A 531 2.49 -15.89 17.54
N ILE A 532 2.80 -14.81 16.85
CA ILE A 532 1.97 -14.32 15.76
C ILE A 532 2.35 -14.96 14.42
N ALA A 533 3.05 -16.10 14.50
CA ALA A 533 3.50 -16.82 13.31
C ALA A 533 2.78 -18.14 13.08
N ASP A 534 2.68 -18.53 11.82
CA ASP A 534 2.02 -19.78 11.42
C ASP A 534 2.95 -20.98 11.48
N THR A 535 2.79 -21.81 12.50
CA THR A 535 3.64 -22.98 12.65
C THR A 535 3.01 -24.19 13.35
N ARG A 536 3.17 -25.36 12.74
CA ARG A 536 2.65 -26.60 13.31
C ARG A 536 3.79 -27.25 14.09
N SER A 537 5.01 -26.82 13.80
CA SER A 537 6.20 -27.33 14.47
C SER A 537 6.02 -27.30 15.99
N PRO A 538 6.04 -28.48 16.63
CA PRO A 538 5.87 -28.56 18.08
C PRO A 538 6.89 -27.76 18.89
N LEU A 539 8.12 -27.67 18.40
CA LEU A 539 9.17 -26.94 19.09
C LEU A 539 8.99 -25.42 18.97
N LEU A 540 8.59 -24.96 17.79
CA LEU A 540 8.37 -23.55 17.56
C LEU A 540 7.19 -23.07 18.41
N ARG A 541 6.22 -23.96 18.62
CA ARG A 541 5.04 -23.63 19.42
C ARG A 541 5.45 -23.48 20.87
N MET A 542 6.31 -24.38 21.33
CA MET A 542 6.79 -24.37 22.70
C MET A 542 7.62 -23.10 22.90
N ARG A 543 8.33 -22.69 21.86
CA ARG A 543 9.13 -21.48 21.94
C ARG A 543 8.24 -20.26 21.94
N ALA A 544 7.23 -20.27 21.07
CA ALA A 544 6.29 -19.14 20.99
C ALA A 544 5.67 -18.89 22.36
N GLN A 545 5.46 -19.98 23.11
CA GLN A 545 4.86 -19.88 24.44
C GLN A 545 5.83 -19.30 25.46
N GLN A 546 7.13 -19.38 25.19
CA GLN A 546 8.15 -18.83 26.08
C GLN A 546 8.13 -17.32 26.04
N GLU A 547 7.68 -16.76 24.91
CA GLU A 547 7.65 -15.32 24.72
C GLU A 547 6.60 -14.61 25.56
N LEU A 548 5.46 -15.26 25.74
CA LEU A 548 4.33 -14.69 26.47
C LEU A 548 4.64 -13.78 27.65
N PRO A 549 5.48 -14.24 28.59
CA PRO A 549 5.78 -13.36 29.74
C PRO A 549 6.55 -12.10 29.33
N GLN A 550 7.39 -12.23 28.30
CA GLN A 550 8.16 -11.10 27.80
C GLN A 550 7.26 -10.09 27.11
N ILE A 551 6.33 -10.60 26.30
CA ILE A 551 5.40 -9.74 25.60
C ILE A 551 4.51 -9.03 26.61
N GLU A 552 4.07 -9.75 27.64
CA GLU A 552 3.23 -9.16 28.67
C GLU A 552 4.00 -8.05 29.38
N SER A 553 5.29 -8.29 29.58
CA SER A 553 6.13 -7.29 30.25
C SER A 553 6.05 -5.96 29.50
N VAL A 554 6.33 -6.01 28.20
CA VAL A 554 6.30 -4.83 27.36
C VAL A 554 4.96 -4.07 27.44
N LYS A 555 3.85 -4.79 27.29
CA LYS A 555 2.54 -4.14 27.33
C LYS A 555 2.16 -3.61 28.71
N ARG A 556 2.39 -4.43 29.72
CA ARG A 556 2.03 -4.09 31.09
C ARG A 556 2.98 -3.15 31.82
N GLN A 557 4.24 -3.12 31.41
CA GLN A 557 5.19 -2.29 32.15
C GLN A 557 6.14 -1.37 31.39
N HIS A 558 6.42 -1.68 30.14
CA HIS A 558 7.37 -0.86 29.39
C HIS A 558 6.88 0.12 28.34
N ALA A 559 5.83 -0.23 27.60
CA ALA A 559 5.35 0.63 26.53
C ALA A 559 3.90 1.14 26.54
N SER A 560 3.72 2.35 26.01
CA SER A 560 2.40 2.97 25.89
C SER A 560 1.70 2.29 24.71
N ARG A 561 2.46 2.04 23.65
CA ARG A 561 1.94 1.40 22.43
C ARG A 561 2.85 0.24 22.05
N VAL A 562 2.28 -0.81 21.48
CA VAL A 562 3.04 -1.98 21.09
C VAL A 562 2.60 -2.57 19.77
N ALA A 563 3.57 -3.15 19.07
CA ALA A 563 3.33 -3.80 17.78
C ALA A 563 4.02 -5.14 17.86
N LEU A 564 3.39 -6.16 17.27
CA LEU A 564 3.96 -7.50 17.26
C LEU A 564 4.25 -7.84 15.80
N VAL A 565 5.51 -8.19 15.50
CA VAL A 565 5.87 -8.55 14.15
C VAL A 565 6.27 -10.02 14.15
N PRO A 566 5.84 -10.78 13.13
CA PRO A 566 6.16 -12.20 13.06
C PRO A 566 7.56 -12.54 12.58
N VAL A 567 8.01 -13.74 12.95
CA VAL A 567 9.30 -14.24 12.50
C VAL A 567 8.97 -14.64 11.07
N LEU A 568 9.57 -13.96 10.10
CA LEU A 568 9.27 -14.25 8.71
C LEU A 568 9.91 -15.53 8.17
N ALA A 569 9.11 -16.27 7.41
CA ALA A 569 9.52 -17.52 6.79
C ALA A 569 10.56 -17.24 5.71
N SER A 570 10.78 -15.95 5.43
CA SER A 570 11.76 -15.56 4.42
C SER A 570 12.57 -14.36 4.88
N GLU A 571 13.44 -13.87 4.00
CA GLU A 571 14.28 -12.72 4.32
C GLU A 571 13.59 -11.44 3.87
N PRO A 572 13.14 -10.61 4.82
CA PRO A 572 12.45 -9.34 4.52
C PRO A 572 13.32 -8.38 3.72
N THR A 573 13.76 -8.85 2.55
CA THR A 573 14.60 -8.08 1.65
C THR A 573 13.80 -7.36 0.57
N GLY A 574 12.76 -8.00 0.09
CA GLY A 574 11.94 -7.37 -0.94
C GLY A 574 10.80 -6.61 -0.29
N ILE A 575 10.29 -5.59 -0.98
CA ILE A 575 9.17 -4.82 -0.44
C ILE A 575 7.99 -5.78 -0.27
N ASP A 576 8.05 -6.90 -0.95
CA ASP A 576 7.01 -7.93 -0.88
C ASP A 576 6.89 -8.43 0.55
N LYS A 577 7.93 -9.13 1.00
CA LYS A 577 7.94 -9.68 2.35
C LYS A 577 7.98 -8.57 3.40
N LEU A 578 8.38 -7.37 2.96
CA LEU A 578 8.46 -6.22 3.84
C LEU A 578 7.04 -5.76 4.17
N LYS A 579 6.14 -5.89 3.19
CA LYS A 579 4.75 -5.51 3.39
C LYS A 579 4.05 -6.60 4.19
N GLN A 580 4.55 -7.82 4.07
CA GLN A 580 3.97 -8.93 4.81
C GLN A 580 4.14 -8.74 6.32
N LEU A 581 5.27 -8.16 6.71
CA LEU A 581 5.56 -7.91 8.13
C LEU A 581 4.49 -7.07 8.84
N ALA A 582 3.94 -6.12 8.11
CA ALA A 582 2.94 -5.19 8.65
C ALA A 582 1.59 -5.77 9.03
N GLY A 583 1.11 -6.76 8.31
CA GLY A 583 -0.19 -7.31 8.60
C GLY A 583 -1.26 -6.36 8.09
N HIS A 584 -2.34 -6.20 8.83
CA HIS A 584 -3.39 -5.29 8.39
C HIS A 584 -4.12 -4.66 9.54
N HIS A 585 -4.66 -3.47 9.29
CA HIS A 585 -5.39 -2.68 10.27
C HIS A 585 -6.76 -2.32 9.71
N HIS A 586 -7.82 -2.80 10.36
CA HIS A 586 -9.17 -2.48 9.91
C HIS A 586 -9.50 -1.02 10.17
N HIS A 587 -10.07 -0.36 9.17
CA HIS A 587 -10.45 1.04 9.31
C HIS A 587 -11.55 1.16 10.37
N HIS A 588 -11.60 2.30 11.05
CA HIS A 588 -12.61 2.53 12.08
C HIS A 588 -12.69 4.03 12.32
N HIS A 589 -13.67 4.46 13.09
CA HIS A 589 -13.82 5.90 13.35
C HIS A 589 -13.49 6.27 14.79
N MET B 1 -16.82 24.66 -40.95
CA MET B 1 -17.09 23.27 -40.51
C MET B 1 -17.62 22.42 -41.67
N GLN B 2 -16.88 21.38 -42.03
CA GLN B 2 -17.26 20.49 -43.11
C GLN B 2 -18.65 19.87 -42.91
N PHE B 3 -18.91 19.36 -41.70
CA PHE B 3 -20.20 18.73 -41.43
C PHE B 3 -21.36 19.69 -41.60
N LEU B 4 -21.06 20.98 -41.67
CA LEU B 4 -22.07 22.01 -41.86
C LEU B 4 -22.37 22.27 -43.35
N GLN B 5 -21.51 21.75 -44.23
CA GLN B 5 -21.68 21.95 -45.67
C GLN B 5 -22.50 20.86 -46.38
N ASN B 6 -23.42 21.28 -47.24
CA ASN B 6 -24.27 20.38 -48.02
C ASN B 6 -24.99 19.30 -47.24
N ILE B 7 -25.54 19.67 -46.11
CA ILE B 7 -26.29 18.75 -45.28
C ILE B 7 -27.54 18.31 -46.05
N PRO B 8 -27.78 16.99 -46.12
CA PRO B 8 -28.99 16.57 -46.83
C PRO B 8 -30.19 16.78 -45.91
N PRO B 9 -31.39 16.38 -46.35
CA PRO B 9 -32.57 16.57 -45.50
C PRO B 9 -32.51 15.94 -44.09
N TYR B 10 -31.81 14.83 -43.93
CA TYR B 10 -31.70 14.20 -42.61
C TYR B 10 -30.26 14.20 -42.06
N LEU B 11 -30.11 14.65 -40.82
CA LEU B 11 -28.81 14.67 -40.17
C LEU B 11 -28.89 13.97 -38.81
N PHE B 12 -28.02 12.98 -38.61
CA PHE B 12 -27.99 12.24 -37.34
C PHE B 12 -26.66 12.42 -36.62
N PHE B 13 -26.71 12.71 -35.31
CA PHE B 13 -25.50 12.83 -34.49
C PHE B 13 -25.46 11.62 -33.57
N THR B 14 -24.32 10.94 -33.53
CA THR B 14 -24.16 9.73 -32.71
C THR B 14 -22.88 9.79 -31.88
N GLY B 15 -22.93 9.21 -30.68
CA GLY B 15 -21.78 9.21 -29.80
C GLY B 15 -22.18 8.89 -28.37
N LYS B 16 -21.22 8.53 -27.52
CA LYS B 16 -21.56 8.17 -26.15
C LYS B 16 -22.25 9.28 -25.36
N GLY B 17 -22.98 8.88 -24.33
CA GLY B 17 -23.68 9.84 -23.50
C GLY B 17 -22.79 10.96 -23.00
N GLY B 18 -23.09 12.19 -23.43
CA GLY B 18 -22.30 13.32 -22.99
C GLY B 18 -21.22 13.85 -23.91
N VAL B 19 -20.99 13.21 -25.07
CA VAL B 19 -19.95 13.70 -25.96
C VAL B 19 -20.27 15.08 -26.53
N GLY B 20 -21.55 15.45 -26.54
CA GLY B 20 -21.94 16.75 -27.04
C GLY B 20 -22.96 16.75 -28.16
N LYS B 21 -23.55 15.59 -28.44
CA LYS B 21 -24.54 15.46 -29.50
C LYS B 21 -25.64 16.50 -29.51
N THR B 22 -26.39 16.60 -28.41
CA THR B 22 -27.48 17.56 -28.32
C THR B 22 -27.02 18.99 -28.53
N SER B 23 -25.90 19.36 -27.92
CA SER B 23 -25.37 20.72 -28.05
C SER B 23 -25.11 21.06 -29.53
N ILE B 24 -24.35 20.20 -30.20
CA ILE B 24 -24.02 20.40 -31.60
C ILE B 24 -25.29 20.43 -32.46
N SER B 25 -26.26 19.59 -32.09
CA SER B 25 -27.52 19.52 -32.83
C SER B 25 -28.31 20.82 -32.76
N CYS B 26 -28.32 21.44 -31.59
CA CYS B 26 -29.02 22.70 -31.39
C CYS B 26 -28.30 23.83 -32.11
N ALA B 27 -26.98 23.90 -31.94
CA ALA B 27 -26.19 24.94 -32.58
C ALA B 27 -26.36 24.84 -34.10
N THR B 28 -26.25 23.61 -34.62
CA THR B 28 -26.40 23.37 -36.05
C THR B 28 -27.78 23.78 -36.54
N ALA B 29 -28.80 23.48 -35.74
CA ALA B 29 -30.17 23.82 -36.08
C ALA B 29 -30.37 25.33 -36.16
N ILE B 30 -29.61 26.06 -35.36
CA ILE B 30 -29.71 27.52 -35.33
C ILE B 30 -28.96 28.09 -36.53
N ARG B 31 -27.76 27.57 -36.77
CA ARG B 31 -26.94 28.02 -37.87
C ARG B 31 -27.73 27.89 -39.18
N LEU B 32 -28.47 26.79 -39.31
CA LEU B 32 -29.24 26.57 -40.52
C LEU B 32 -30.46 27.50 -40.60
N ALA B 33 -31.18 27.66 -39.49
CA ALA B 33 -32.36 28.50 -39.46
C ALA B 33 -32.00 29.92 -39.85
N GLU B 34 -30.86 30.38 -39.35
CA GLU B 34 -30.40 31.73 -39.65
C GLU B 34 -29.93 31.81 -41.10
N GLN B 35 -29.67 30.67 -41.72
CA GLN B 35 -29.24 30.67 -43.11
C GLN B 35 -30.46 30.71 -44.03
N GLY B 36 -31.64 30.86 -43.41
CA GLY B 36 -32.87 30.92 -44.17
C GLY B 36 -33.57 29.57 -44.33
N LYS B 37 -32.90 28.49 -43.92
CA LYS B 37 -33.47 27.16 -44.04
C LYS B 37 -34.55 26.92 -42.98
N ARG B 38 -35.48 26.03 -43.29
CA ARG B 38 -36.56 25.67 -42.39
C ARG B 38 -36.09 24.39 -41.72
N VAL B 39 -35.94 24.41 -40.41
CA VAL B 39 -35.44 23.23 -39.70
C VAL B 39 -36.34 22.66 -38.60
N LEU B 40 -36.40 21.34 -38.55
CA LEU B 40 -37.17 20.64 -37.53
C LEU B 40 -36.11 19.95 -36.67
N LEU B 41 -36.00 20.35 -35.40
CA LEU B 41 -35.03 19.73 -34.49
C LEU B 41 -35.75 18.63 -33.74
N VAL B 42 -35.21 17.41 -33.80
CA VAL B 42 -35.84 16.30 -33.09
C VAL B 42 -35.06 15.91 -31.84
N SER B 43 -35.60 16.30 -30.69
CA SER B 43 -35.00 15.98 -29.40
C SER B 43 -35.37 14.53 -29.08
N THR B 44 -34.37 13.70 -28.80
CA THR B 44 -34.64 12.30 -28.51
C THR B 44 -34.23 11.84 -27.13
N ASP B 45 -33.63 12.72 -26.34
CA ASP B 45 -33.17 12.33 -25.01
C ASP B 45 -34.30 12.02 -24.03
N PRO B 46 -34.07 11.03 -23.14
CA PRO B 46 -35.02 10.57 -22.13
C PRO B 46 -35.52 11.66 -21.20
N ALA B 47 -34.65 12.64 -20.91
CA ALA B 47 -35.01 13.76 -20.05
C ALA B 47 -34.62 15.02 -20.79
N SER B 48 -35.13 15.15 -22.01
CA SER B 48 -34.85 16.30 -22.86
C SER B 48 -34.71 17.61 -22.07
N ASN B 49 -33.65 18.35 -22.38
CA ASN B 49 -33.38 19.62 -21.73
C ASN B 49 -33.34 20.69 -22.80
N VAL B 50 -33.66 20.29 -24.03
CA VAL B 50 -33.66 21.18 -25.18
C VAL B 50 -34.65 22.34 -25.05
N GLY B 51 -35.83 22.04 -24.52
CA GLY B 51 -36.84 23.07 -24.34
C GLY B 51 -36.32 24.25 -23.54
N GLN B 52 -35.33 23.99 -22.69
CA GLN B 52 -34.74 25.04 -21.86
C GLN B 52 -33.85 25.93 -22.73
N VAL B 53 -32.92 25.31 -23.44
CA VAL B 53 -31.99 26.02 -24.31
C VAL B 53 -32.71 27.05 -25.17
N PHE B 54 -33.94 26.74 -25.59
CA PHE B 54 -34.70 27.67 -26.42
C PHE B 54 -35.93 28.21 -25.69
N SER B 55 -35.80 28.40 -24.37
CA SER B 55 -36.88 28.91 -23.53
C SER B 55 -38.27 28.69 -24.13
N GLN B 56 -38.66 27.42 -24.22
CA GLN B 56 -39.96 27.03 -24.77
C GLN B 56 -40.11 25.54 -24.51
N THR B 57 -41.15 25.14 -23.79
CA THR B 57 -41.34 23.73 -23.53
C THR B 57 -41.60 22.96 -24.82
N ILE B 58 -40.68 22.05 -25.14
CA ILE B 58 -40.80 21.22 -26.32
C ILE B 58 -41.77 20.10 -25.97
N GLY B 59 -42.48 19.58 -26.97
CA GLY B 59 -43.42 18.50 -26.69
C GLY B 59 -43.51 17.41 -27.74
N ASN B 60 -44.49 16.52 -27.55
CA ASN B 60 -44.71 15.40 -28.45
C ASN B 60 -45.44 15.85 -29.70
N THR B 61 -45.42 17.15 -29.97
CA THR B 61 -46.08 17.69 -31.14
C THR B 61 -45.14 18.67 -31.83
N ILE B 62 -45.22 18.77 -33.16
CA ILE B 62 -44.35 19.69 -33.87
C ILE B 62 -44.79 21.13 -33.68
N GLN B 63 -43.96 21.90 -32.99
CA GLN B 63 -44.25 23.31 -32.74
C GLN B 63 -43.03 24.11 -33.16
N ALA B 64 -43.27 25.27 -33.78
CA ALA B 64 -42.18 26.13 -34.21
C ALA B 64 -41.62 26.84 -32.99
N ILE B 65 -40.29 26.95 -32.90
CA ILE B 65 -39.68 27.62 -31.77
C ILE B 65 -39.62 29.13 -32.01
N ALA B 66 -40.29 29.87 -31.14
CA ALA B 66 -40.37 31.33 -31.23
C ALA B 66 -39.02 32.05 -31.24
N SER B 67 -38.23 31.84 -30.19
CA SER B 67 -36.93 32.48 -30.06
C SER B 67 -36.07 32.45 -31.31
N VAL B 68 -36.30 31.47 -32.19
CA VAL B 68 -35.52 31.39 -33.41
C VAL B 68 -36.38 31.07 -34.63
N PRO B 69 -36.69 32.09 -35.43
CA PRO B 69 -37.52 31.95 -36.63
C PRO B 69 -36.94 31.02 -37.70
N GLY B 70 -37.77 30.07 -38.14
CA GLY B 70 -37.34 29.12 -39.14
C GLY B 70 -37.04 27.78 -38.52
N LEU B 71 -37.10 27.73 -37.19
CA LEU B 71 -36.84 26.51 -36.45
C LEU B 71 -38.08 25.95 -35.78
N SER B 72 -38.22 24.64 -35.84
CA SER B 72 -39.32 23.97 -35.18
C SER B 72 -38.67 22.87 -34.36
N ALA B 73 -39.39 22.39 -33.35
CA ALA B 73 -38.84 21.35 -32.51
C ALA B 73 -39.91 20.31 -32.24
N LEU B 74 -39.47 19.07 -32.02
CA LEU B 74 -40.34 17.95 -31.73
C LEU B 74 -39.61 17.09 -30.70
N GLU B 75 -40.35 16.56 -29.74
CA GLU B 75 -39.77 15.73 -28.69
C GLU B 75 -40.21 14.27 -28.83
N ILE B 76 -39.24 13.37 -28.92
CA ILE B 76 -39.52 11.96 -29.03
C ILE B 76 -39.00 11.27 -27.80
N ASP B 77 -39.91 10.88 -26.90
CA ASP B 77 -39.51 10.21 -25.68
C ASP B 77 -39.36 8.73 -25.94
N PRO B 78 -38.11 8.24 -25.98
CA PRO B 78 -37.82 6.83 -26.23
C PRO B 78 -38.41 5.93 -25.14
N GLN B 79 -38.35 6.43 -23.90
CA GLN B 79 -38.86 5.69 -22.76
C GLN B 79 -40.38 5.55 -22.87
N ALA B 80 -41.05 6.64 -23.14
CA ALA B 80 -42.49 6.61 -23.28
C ALA B 80 -42.82 5.63 -24.39
N ALA B 81 -42.00 5.64 -25.43
CA ALA B 81 -42.23 4.73 -26.55
C ALA B 81 -42.16 3.28 -26.07
N ALA B 82 -41.11 2.95 -25.32
CA ALA B 82 -40.94 1.59 -24.79
C ALA B 82 -42.11 1.27 -23.87
N GLN B 83 -42.52 2.27 -23.10
CA GLN B 83 -43.65 2.15 -22.19
C GLN B 83 -44.90 1.69 -22.94
N GLN B 84 -45.11 2.22 -24.14
CA GLN B 84 -46.28 1.82 -24.91
C GLN B 84 -46.17 0.40 -25.44
N TYR B 85 -44.95 -0.02 -25.78
CA TYR B 85 -44.70 -1.37 -26.26
C TYR B 85 -45.17 -2.30 -25.15
N ARG B 86 -44.65 -2.01 -23.96
CA ARG B 86 -44.94 -2.75 -22.75
C ARG B 86 -46.44 -2.77 -22.46
N ALA B 87 -47.06 -1.59 -22.47
CA ALA B 87 -48.49 -1.49 -22.19
C ALA B 87 -49.31 -2.26 -23.20
N ARG B 88 -48.94 -2.15 -24.46
CA ARG B 88 -49.64 -2.80 -25.55
C ARG B 88 -49.59 -4.32 -25.41
N ILE B 89 -48.41 -4.82 -25.08
CA ILE B 89 -48.18 -6.26 -24.95
C ILE B 89 -48.50 -6.87 -23.58
N VAL B 90 -48.18 -6.16 -22.51
CA VAL B 90 -48.39 -6.67 -21.16
C VAL B 90 -49.78 -6.43 -20.56
N ASP B 91 -50.41 -5.30 -20.88
CA ASP B 91 -51.72 -5.00 -20.32
C ASP B 91 -52.80 -6.05 -20.60
N PRO B 92 -52.89 -6.55 -21.84
CA PRO B 92 -53.89 -7.57 -22.19
C PRO B 92 -53.84 -8.82 -21.31
N ILE B 93 -52.68 -9.10 -20.72
CA ILE B 93 -52.55 -10.29 -19.89
C ILE B 93 -52.49 -10.02 -18.39
N LYS B 94 -52.55 -8.76 -17.98
CA LYS B 94 -52.53 -8.44 -16.54
C LYS B 94 -53.78 -8.95 -15.85
N GLY B 95 -53.59 -9.73 -14.79
CA GLY B 95 -54.72 -10.26 -14.07
C GLY B 95 -55.37 -11.40 -14.85
N VAL B 96 -54.75 -11.80 -15.96
CA VAL B 96 -55.28 -12.89 -16.76
C VAL B 96 -54.36 -14.10 -16.60
N LEU B 97 -53.06 -13.88 -16.75
CA LEU B 97 -52.10 -14.95 -16.56
C LEU B 97 -51.54 -14.76 -15.15
N PRO B 98 -50.87 -15.78 -14.60
CA PRO B 98 -50.31 -15.67 -13.24
C PRO B 98 -49.40 -14.43 -13.16
N ASP B 99 -49.35 -13.81 -11.99
CA ASP B 99 -48.52 -12.63 -11.83
C ASP B 99 -47.07 -12.84 -12.28
N ASP B 100 -46.45 -13.90 -11.79
CA ASP B 100 -45.07 -14.21 -12.13
C ASP B 100 -44.84 -14.36 -13.63
N VAL B 101 -45.86 -14.82 -14.33
CA VAL B 101 -45.75 -15.01 -15.78
C VAL B 101 -45.81 -13.67 -16.50
N VAL B 102 -46.73 -12.81 -16.07
CA VAL B 102 -46.91 -11.50 -16.66
C VAL B 102 -45.71 -10.63 -16.35
N SER B 103 -45.15 -10.86 -15.16
CA SER B 103 -43.99 -10.12 -14.70
C SER B 103 -42.74 -10.41 -15.54
N SER B 104 -42.50 -11.68 -15.84
CA SER B 104 -41.32 -12.05 -16.62
C SER B 104 -41.44 -11.60 -18.08
N ILE B 105 -42.66 -11.52 -18.60
CA ILE B 105 -42.87 -11.08 -19.98
C ILE B 105 -42.65 -9.57 -20.01
N ASN B 106 -43.08 -8.89 -18.95
CA ASN B 106 -42.90 -7.45 -18.85
C ASN B 106 -41.41 -7.10 -18.67
N GLU B 107 -40.67 -7.97 -18.00
CA GLU B 107 -39.26 -7.74 -17.79
C GLU B 107 -38.54 -7.87 -19.14
N GLN B 108 -39.04 -8.77 -19.98
CA GLN B 108 -38.44 -8.98 -21.30
C GLN B 108 -38.56 -7.75 -22.19
N LEU B 109 -39.40 -6.81 -21.80
CA LEU B 109 -39.60 -5.58 -22.57
C LEU B 109 -39.19 -4.37 -21.75
N SER B 110 -38.26 -4.57 -20.82
CA SER B 110 -37.81 -3.47 -19.96
C SER B 110 -36.33 -3.16 -20.11
N GLY B 111 -35.68 -3.72 -21.14
CA GLY B 111 -34.26 -3.46 -21.32
C GLY B 111 -33.94 -2.40 -22.34
N ALA B 112 -32.66 -2.04 -22.42
CA ALA B 112 -32.15 -1.03 -23.36
C ALA B 112 -32.53 -1.37 -24.80
N CYS B 113 -32.52 -2.65 -25.10
CA CYS B 113 -32.86 -3.13 -26.43
C CYS B 113 -34.29 -2.76 -26.82
N THR B 114 -35.23 -2.92 -25.89
CA THR B 114 -36.61 -2.56 -26.18
C THR B 114 -36.66 -1.05 -26.47
N THR B 115 -35.88 -0.28 -25.70
CA THR B 115 -35.83 1.17 -25.87
C THR B 115 -35.27 1.54 -27.24
N GLU B 116 -34.22 0.83 -27.65
CA GLU B 116 -33.62 1.08 -28.96
C GLU B 116 -34.64 0.75 -30.07
N ILE B 117 -35.34 -0.38 -29.93
CA ILE B 117 -36.32 -0.78 -30.92
C ILE B 117 -37.46 0.23 -30.97
N ALA B 118 -37.91 0.65 -29.80
CA ALA B 118 -39.00 1.62 -29.71
C ALA B 118 -38.61 2.93 -30.37
N ALA B 119 -37.36 3.34 -30.17
CA ALA B 119 -36.88 4.58 -30.76
C ALA B 119 -36.80 4.45 -32.28
N PHE B 120 -36.30 3.32 -32.77
CA PHE B 120 -36.19 3.16 -34.23
C PHE B 120 -37.57 3.24 -34.85
N ASP B 121 -38.58 2.81 -34.11
CA ASP B 121 -39.95 2.85 -34.57
C ASP B 121 -40.32 4.32 -34.76
N GLU B 122 -39.88 5.17 -33.83
CA GLU B 122 -40.13 6.62 -33.91
C GLU B 122 -39.35 7.24 -35.06
N PHE B 123 -38.07 6.89 -35.18
CA PHE B 123 -37.26 7.42 -36.28
C PHE B 123 -37.92 7.05 -37.61
N THR B 124 -38.37 5.80 -37.71
CA THR B 124 -39.02 5.29 -38.92
C THR B 124 -40.18 6.15 -39.38
N GLY B 125 -41.08 6.49 -38.45
CA GLY B 125 -42.22 7.32 -38.80
C GLY B 125 -41.77 8.63 -39.41
N LEU B 126 -40.73 9.22 -38.84
CA LEU B 126 -40.21 10.49 -39.31
C LEU B 126 -39.49 10.38 -40.66
N LEU B 127 -38.67 9.34 -40.81
CA LEU B 127 -37.93 9.10 -42.03
C LEU B 127 -38.76 8.70 -43.24
N THR B 128 -39.98 8.21 -43.01
CA THR B 128 -40.82 7.76 -44.11
C THR B 128 -41.95 8.73 -44.52
N ASP B 129 -42.12 9.80 -43.76
CA ASP B 129 -43.15 10.80 -44.06
C ASP B 129 -42.58 11.82 -45.03
N ALA B 130 -42.98 11.70 -46.29
CA ALA B 130 -42.51 12.56 -47.36
C ALA B 130 -43.01 13.99 -47.30
N SER B 131 -44.23 14.20 -46.81
CA SER B 131 -44.78 15.54 -46.73
C SER B 131 -43.90 16.41 -45.82
N LEU B 132 -43.25 15.76 -44.88
CA LEU B 132 -42.39 16.47 -43.95
C LEU B 132 -41.25 17.19 -44.69
N LEU B 133 -40.77 16.61 -45.79
CA LEU B 133 -39.68 17.20 -46.59
C LEU B 133 -40.17 18.38 -47.43
N THR B 134 -41.48 18.57 -47.41
CA THR B 134 -42.14 19.65 -48.11
C THR B 134 -42.15 20.88 -47.19
N ARG B 135 -42.13 20.61 -45.87
CA ARG B 135 -42.15 21.66 -44.85
C ARG B 135 -40.78 22.07 -44.33
N PHE B 136 -39.83 21.13 -44.27
CA PHE B 136 -38.50 21.45 -43.76
C PHE B 136 -37.35 21.11 -44.69
N ASP B 137 -36.31 21.93 -44.64
CA ASP B 137 -35.13 21.73 -45.45
C ASP B 137 -34.27 20.66 -44.78
N HIS B 138 -34.36 20.59 -43.44
CA HIS B 138 -33.59 19.62 -42.67
C HIS B 138 -34.27 19.15 -41.39
N ILE B 139 -34.14 17.86 -41.12
CA ILE B 139 -34.66 17.27 -39.88
C ILE B 139 -33.41 16.74 -39.19
N ILE B 140 -33.10 17.29 -38.03
CA ILE B 140 -31.91 16.91 -37.27
C ILE B 140 -32.24 16.06 -36.03
N PHE B 141 -31.49 14.97 -35.83
CA PHE B 141 -31.70 14.08 -34.69
C PHE B 141 -30.47 14.08 -33.78
N ASP B 142 -30.67 14.17 -32.47
CA ASP B 142 -29.51 14.17 -31.58
C ASP B 142 -29.05 12.80 -31.09
N THR B 143 -29.50 11.74 -31.76
CA THR B 143 -29.06 10.38 -31.47
C THR B 143 -29.31 9.64 -32.77
N ALA B 144 -28.73 8.46 -32.89
CA ALA B 144 -28.89 7.65 -34.09
C ALA B 144 -29.04 6.18 -33.71
N PRO B 145 -29.67 5.39 -34.57
CA PRO B 145 -29.84 3.96 -34.27
C PRO B 145 -28.48 3.29 -34.42
N THR B 146 -28.34 2.08 -33.88
CA THR B 146 -27.07 1.37 -33.98
C THR B 146 -27.10 0.42 -35.16
N GLY B 147 -25.96 -0.22 -35.42
CA GLY B 147 -25.90 -1.18 -36.50
C GLY B 147 -26.73 -2.37 -36.10
N HIS B 148 -26.64 -2.72 -34.82
CA HIS B 148 -27.37 -3.85 -34.25
C HIS B 148 -28.88 -3.74 -34.43
N THR B 149 -29.45 -2.57 -34.12
CA THR B 149 -30.88 -2.39 -34.26
C THR B 149 -31.31 -2.40 -35.72
N ILE B 150 -30.50 -1.79 -36.58
CA ILE B 150 -30.80 -1.76 -38.01
C ILE B 150 -30.71 -3.17 -38.58
N ARG B 151 -29.73 -3.94 -38.13
CA ARG B 151 -29.54 -5.32 -38.59
C ARG B 151 -30.75 -6.19 -38.23
N LEU B 152 -31.28 -6.01 -37.03
CA LEU B 152 -32.42 -6.80 -36.60
C LEU B 152 -33.62 -6.62 -37.49
N LEU B 153 -33.87 -5.38 -37.86
CA LEU B 153 -35.01 -5.08 -38.69
C LEU B 153 -34.76 -5.37 -40.16
N GLN B 154 -33.51 -5.63 -40.51
CA GLN B 154 -33.17 -5.97 -41.90
C GLN B 154 -33.49 -7.46 -42.12
N LEU B 155 -33.33 -8.26 -41.06
CA LEU B 155 -33.53 -9.70 -41.13
C LEU B 155 -34.92 -10.21 -41.47
N PRO B 156 -35.00 -11.13 -42.45
CA PRO B 156 -36.23 -11.76 -42.92
C PRO B 156 -36.87 -12.55 -41.79
N GLY B 157 -36.03 -13.14 -40.95
CA GLY B 157 -36.51 -13.94 -39.84
C GLY B 157 -37.25 -13.12 -38.80
N ALA B 158 -37.03 -11.81 -38.81
CA ALA B 158 -37.70 -10.92 -37.87
C ALA B 158 -39.19 -10.86 -38.13
N TRP B 159 -39.60 -11.29 -39.33
CA TRP B 159 -40.99 -11.24 -39.72
C TRP B 159 -41.69 -12.59 -39.85
N SER B 160 -40.94 -13.68 -39.94
CA SER B 160 -41.58 -14.99 -40.08
C SER B 160 -41.32 -15.87 -38.87
N SER B 161 -40.06 -15.90 -38.43
CA SER B 161 -39.67 -16.72 -37.30
C SER B 161 -39.96 -16.06 -35.95
N PHE B 162 -40.69 -16.78 -35.11
CA PHE B 162 -40.98 -16.30 -33.77
C PHE B 162 -40.06 -17.13 -32.89
N ILE B 163 -39.76 -16.66 -31.68
CA ILE B 163 -38.88 -17.42 -30.81
C ILE B 163 -39.43 -17.61 -29.39
N ASP B 164 -39.35 -18.85 -28.91
CA ASP B 164 -39.83 -19.21 -27.60
C ASP B 164 -39.42 -18.24 -26.50
N SER B 165 -40.32 -18.03 -25.55
CA SER B 165 -40.07 -17.12 -24.44
C SER B 165 -39.15 -17.82 -23.43
N ASN B 166 -37.85 -17.80 -23.73
CA ASN B 166 -36.86 -18.43 -22.86
C ASN B 166 -36.08 -17.38 -22.09
N PRO B 167 -35.37 -17.80 -21.03
CA PRO B 167 -34.58 -16.88 -20.21
C PRO B 167 -33.29 -16.39 -20.86
N GLU B 168 -32.56 -17.30 -21.48
CA GLU B 168 -31.29 -16.96 -22.13
C GLU B 168 -31.42 -16.80 -23.65
N GLY B 169 -30.42 -16.20 -24.27
CA GLY B 169 -30.40 -16.01 -25.70
C GLY B 169 -31.40 -15.02 -26.28
N ALA B 170 -32.51 -15.54 -26.80
CA ALA B 170 -33.56 -14.69 -27.39
C ALA B 170 -34.13 -13.75 -26.33
N SER B 171 -33.42 -13.65 -25.21
CA SER B 171 -33.79 -12.80 -24.10
C SER B 171 -34.25 -11.42 -24.54
N CYS B 172 -33.68 -10.88 -25.61
CA CYS B 172 -34.06 -9.53 -26.04
C CYS B 172 -34.79 -9.36 -27.36
N LEU B 173 -35.45 -10.40 -27.85
CA LEU B 173 -36.20 -10.27 -29.09
C LEU B 173 -37.65 -9.94 -28.83
N GLY B 174 -38.02 -9.90 -27.54
CA GLY B 174 -39.38 -9.60 -27.17
C GLY B 174 -39.92 -8.39 -27.92
N PRO B 175 -39.20 -7.25 -27.87
CA PRO B 175 -39.54 -5.99 -28.53
C PRO B 175 -40.11 -6.14 -29.94
N MET B 176 -39.64 -7.15 -30.67
CA MET B 176 -40.07 -7.41 -32.04
C MET B 176 -41.59 -7.48 -32.16
N ALA B 177 -42.23 -8.06 -31.15
CA ALA B 177 -43.68 -8.17 -31.15
C ALA B 177 -44.35 -6.79 -31.16
N GLY B 178 -43.68 -5.81 -30.55
CA GLY B 178 -44.22 -4.47 -30.49
C GLY B 178 -44.13 -3.70 -31.80
N LEU B 179 -43.29 -4.16 -32.73
CA LEU B 179 -43.15 -3.49 -34.02
C LEU B 179 -44.57 -3.40 -34.56
N GLU B 180 -45.01 -2.21 -34.95
CA GLU B 180 -46.37 -2.11 -35.43
C GLU B 180 -46.60 -1.59 -36.85
N LYS B 181 -45.54 -1.14 -37.52
CA LYS B 181 -45.69 -0.65 -38.89
C LYS B 181 -45.46 -1.82 -39.84
N GLN B 182 -45.86 -1.67 -41.09
CA GLN B 182 -45.65 -2.73 -42.07
C GLN B 182 -44.16 -2.88 -42.35
N ARG B 183 -43.72 -4.11 -42.60
CA ARG B 183 -42.32 -4.38 -42.87
C ARG B 183 -41.73 -3.38 -43.85
N GLU B 184 -42.50 -3.04 -44.88
CA GLU B 184 -42.05 -2.10 -45.89
C GLU B 184 -41.51 -0.80 -45.30
N GLN B 185 -42.25 -0.21 -44.37
CA GLN B 185 -41.84 1.05 -43.76
C GLN B 185 -40.43 1.03 -43.16
N TYR B 186 -40.13 -0.01 -42.38
CA TYR B 186 -38.82 -0.12 -41.77
C TYR B 186 -37.78 -0.22 -42.88
N ALA B 187 -38.07 -1.04 -43.88
CA ALA B 187 -37.17 -1.22 -45.00
C ALA B 187 -36.94 0.12 -45.70
N TYR B 188 -38.01 0.87 -45.90
CA TYR B 188 -37.93 2.17 -46.56
C TYR B 188 -37.10 3.15 -45.72
N ALA B 189 -37.23 3.08 -44.40
CA ALA B 189 -36.48 3.96 -43.51
C ALA B 189 -34.99 3.64 -43.57
N VAL B 190 -34.68 2.34 -43.55
CA VAL B 190 -33.28 1.89 -43.62
C VAL B 190 -32.70 2.31 -44.97
N GLU B 191 -33.58 2.43 -45.95
CA GLU B 191 -33.16 2.83 -47.28
C GLU B 191 -32.78 4.31 -47.25
N ALA B 192 -33.58 5.09 -46.52
CA ALA B 192 -33.34 6.53 -46.40
C ALA B 192 -32.04 6.80 -45.63
N LEU B 193 -31.77 6.00 -44.60
CA LEU B 193 -30.56 6.15 -43.80
C LEU B 193 -29.31 5.80 -44.61
N SER B 194 -29.42 4.81 -45.49
CA SER B 194 -28.30 4.37 -46.31
C SER B 194 -28.08 5.19 -47.57
N ASP B 195 -29.03 6.06 -47.88
CA ASP B 195 -28.94 6.90 -49.06
C ASP B 195 -28.21 8.19 -48.70
N PRO B 196 -26.94 8.31 -49.12
CA PRO B 196 -26.22 9.54 -48.78
C PRO B 196 -26.90 10.81 -49.28
N LYS B 197 -27.73 10.69 -50.31
CA LYS B 197 -28.40 11.87 -50.83
C LYS B 197 -29.48 12.31 -49.87
N ARG B 198 -29.85 11.45 -48.95
CA ARG B 198 -30.89 11.79 -47.99
C ARG B 198 -30.45 11.88 -46.53
N THR B 199 -29.41 11.14 -46.17
CA THR B 199 -28.94 11.11 -44.79
C THR B 199 -27.44 11.22 -44.59
N ARG B 200 -27.05 12.06 -43.66
CA ARG B 200 -25.64 12.24 -43.29
C ARG B 200 -25.53 11.83 -41.82
N LEU B 201 -24.50 11.08 -41.49
CA LEU B 201 -24.30 10.62 -40.13
C LEU B 201 -23.06 11.28 -39.51
N VAL B 202 -23.25 11.99 -38.39
CA VAL B 202 -22.11 12.64 -37.76
C VAL B 202 -21.70 11.96 -36.45
N LEU B 203 -20.53 11.34 -36.47
CA LEU B 203 -19.99 10.66 -35.30
C LEU B 203 -19.33 11.71 -34.41
N VAL B 204 -19.72 11.77 -33.14
CA VAL B 204 -19.15 12.74 -32.21
C VAL B 204 -18.22 12.03 -31.25
N ALA B 205 -17.10 12.66 -30.93
CA ALA B 205 -16.14 12.07 -30.00
C ALA B 205 -15.32 13.16 -29.33
N ARG B 206 -14.25 12.72 -28.66
CA ARG B 206 -13.33 13.61 -27.97
C ARG B 206 -11.94 13.01 -28.13
N LEU B 207 -10.91 13.84 -27.96
CA LEU B 207 -9.54 13.37 -28.10
C LEU B 207 -9.16 12.55 -26.88
N GLN B 208 -9.61 11.29 -26.88
CA GLN B 208 -9.36 10.33 -25.81
C GLN B 208 -9.26 9.00 -26.56
N LYS B 209 -8.18 8.27 -26.37
CA LYS B 209 -7.98 7.01 -27.09
C LYS B 209 -9.09 5.96 -26.93
N SER B 210 -9.65 5.84 -25.74
CA SER B 210 -10.71 4.85 -25.52
C SER B 210 -12.01 5.24 -26.22
N THR B 211 -12.37 6.53 -26.13
CA THR B 211 -13.59 7.02 -26.76
C THR B 211 -13.45 7.03 -28.27
N LEU B 212 -12.22 7.19 -28.75
CA LEU B 212 -11.95 7.21 -30.18
C LEU B 212 -12.09 5.80 -30.75
N GLN B 213 -11.65 4.81 -29.96
CA GLN B 213 -11.71 3.41 -30.37
C GLN B 213 -13.16 2.97 -30.49
N GLU B 214 -14.01 3.53 -29.63
CA GLU B 214 -15.44 3.21 -29.63
C GLU B 214 -16.10 3.83 -30.85
N VAL B 215 -15.75 5.08 -31.14
CA VAL B 215 -16.32 5.77 -32.30
C VAL B 215 -15.97 4.98 -33.55
N ALA B 216 -14.75 4.46 -33.56
CA ALA B 216 -14.26 3.68 -34.70
C ALA B 216 -15.09 2.41 -34.91
N ARG B 217 -15.55 1.79 -33.83
CA ARG B 217 -16.37 0.58 -33.94
C ARG B 217 -17.70 0.94 -34.57
N THR B 218 -18.32 2.01 -34.09
CA THR B 218 -19.60 2.47 -34.62
C THR B 218 -19.49 2.69 -36.13
N HIS B 219 -18.41 3.33 -36.55
CA HIS B 219 -18.17 3.62 -37.96
C HIS B 219 -18.27 2.41 -38.87
N LEU B 220 -17.48 1.38 -38.56
CA LEU B 220 -17.48 0.17 -39.38
C LEU B 220 -18.84 -0.53 -39.44
N GLU B 221 -19.55 -0.57 -38.31
CA GLU B 221 -20.86 -1.22 -38.28
C GLU B 221 -21.88 -0.49 -39.16
N LEU B 222 -21.97 0.82 -39.01
CA LEU B 222 -22.94 1.58 -39.79
C LEU B 222 -22.57 1.55 -41.27
N ALA B 223 -21.27 1.52 -41.55
CA ALA B 223 -20.76 1.49 -42.91
C ALA B 223 -21.17 0.19 -43.61
N ALA B 224 -21.06 -0.93 -42.90
CA ALA B 224 -21.41 -2.23 -43.47
C ALA B 224 -22.89 -2.27 -43.81
N ILE B 225 -23.69 -1.55 -43.03
CA ILE B 225 -25.13 -1.50 -43.25
C ILE B 225 -25.50 -0.61 -44.42
N GLY B 226 -24.62 0.31 -44.79
CA GLY B 226 -24.92 1.18 -45.90
C GLY B 226 -24.69 2.67 -45.69
N LEU B 227 -24.58 3.10 -44.45
CA LEU B 227 -24.34 4.52 -44.20
C LEU B 227 -22.92 4.87 -44.62
N LYS B 228 -22.82 5.48 -45.81
CA LYS B 228 -21.55 5.88 -46.39
C LYS B 228 -21.39 7.40 -46.37
N ASN B 229 -22.29 8.08 -45.66
CA ASN B 229 -22.25 9.53 -45.57
C ASN B 229 -21.97 9.89 -44.12
N GLN B 230 -20.73 9.67 -43.69
CA GLN B 230 -20.31 9.93 -42.32
C GLN B 230 -19.21 10.96 -42.14
N TYR B 231 -19.38 11.77 -41.10
CA TYR B 231 -18.42 12.81 -40.74
C TYR B 231 -17.98 12.59 -39.30
N LEU B 232 -16.83 13.16 -38.95
CA LEU B 232 -16.28 13.04 -37.62
C LEU B 232 -16.10 14.42 -36.98
N VAL B 233 -16.76 14.65 -35.86
CA VAL B 233 -16.63 15.92 -35.16
C VAL B 233 -16.06 15.73 -33.75
N ILE B 234 -14.76 15.95 -33.61
CA ILE B 234 -14.08 15.82 -32.32
C ILE B 234 -14.34 17.07 -31.48
N ASN B 235 -15.24 16.93 -30.52
CA ASN B 235 -15.67 18.00 -29.63
C ASN B 235 -14.83 18.24 -28.35
N GLY B 236 -15.05 19.39 -27.73
CA GLY B 236 -14.35 19.74 -26.50
C GLY B 236 -12.83 19.74 -26.48
N VAL B 237 -12.19 19.93 -27.63
CA VAL B 237 -10.73 19.97 -27.69
C VAL B 237 -10.16 21.18 -26.95
N LEU B 238 -9.09 20.95 -26.20
CA LEU B 238 -8.43 21.99 -25.41
C LEU B 238 -7.56 22.90 -26.28
N PRO B 239 -7.89 24.20 -26.33
CA PRO B 239 -7.11 25.13 -27.13
C PRO B 239 -5.69 25.26 -26.56
N LYS B 240 -4.69 25.19 -27.44
CA LYS B 240 -3.30 25.26 -27.01
C LYS B 240 -2.95 26.48 -26.17
N THR B 241 -3.61 27.60 -26.43
CA THR B 241 -3.36 28.83 -25.68
C THR B 241 -3.47 28.56 -24.18
N GLU B 242 -4.14 27.46 -23.84
CA GLU B 242 -4.35 27.08 -22.45
C GLU B 242 -3.16 26.35 -21.85
N ALA B 243 -2.58 25.42 -22.61
CA ALA B 243 -1.44 24.65 -22.14
C ALA B 243 -0.15 25.48 -22.15
N ALA B 244 -0.13 26.56 -21.39
CA ALA B 244 1.05 27.42 -21.34
C ALA B 244 1.58 27.61 -19.92
N ASN B 245 0.72 28.02 -19.01
CA ASN B 245 1.12 28.24 -17.62
C ASN B 245 0.89 27.06 -16.69
N ASP B 246 -0.03 26.16 -17.06
CA ASP B 246 -0.32 25.04 -16.19
C ASP B 246 0.34 23.71 -16.53
N THR B 247 0.58 22.91 -15.49
CA THR B 247 1.19 21.60 -15.64
C THR B 247 0.16 20.62 -16.18
N LEU B 248 -1.08 20.75 -15.69
CA LEU B 248 -2.17 19.88 -16.13
C LEU B 248 -2.68 20.24 -17.53
N ALA B 249 -2.98 21.53 -17.73
CA ALA B 249 -3.47 21.99 -19.02
C ALA B 249 -2.53 21.55 -20.15
N ALA B 250 -1.23 21.55 -19.86
CA ALA B 250 -0.24 21.14 -20.83
C ALA B 250 -0.32 19.64 -21.02
N ALA B 251 -0.42 18.92 -19.91
CA ALA B 251 -0.49 17.46 -19.97
C ALA B 251 -1.68 17.03 -20.82
N ILE B 252 -2.83 17.66 -20.58
CA ILE B 252 -4.05 17.37 -21.33
C ILE B 252 -3.87 17.68 -22.81
N TRP B 253 -3.33 18.87 -23.08
CA TRP B 253 -3.12 19.31 -24.45
C TRP B 253 -2.23 18.37 -25.25
N GLU B 254 -1.19 17.86 -24.60
CA GLU B 254 -0.26 16.96 -25.27
C GLU B 254 -0.85 15.57 -25.37
N ARG B 255 -1.73 15.22 -24.44
CA ARG B 255 -2.36 13.91 -24.45
C ARG B 255 -3.40 13.83 -25.57
N GLU B 256 -4.18 14.88 -25.73
CA GLU B 256 -5.19 14.94 -26.78
C GLU B 256 -4.47 15.01 -28.10
N GLN B 257 -3.30 15.65 -28.10
CA GLN B 257 -2.50 15.79 -29.29
C GLN B 257 -2.00 14.42 -29.73
N GLU B 258 -1.48 13.65 -28.78
CA GLU B 258 -1.00 12.31 -29.06
C GLU B 258 -2.18 11.53 -29.64
N ALA B 259 -3.37 11.78 -29.09
CA ALA B 259 -4.60 11.14 -29.53
C ALA B 259 -4.89 11.48 -30.99
N LEU B 260 -4.84 12.78 -31.29
CA LEU B 260 -5.09 13.28 -32.64
C LEU B 260 -4.06 12.64 -33.57
N ALA B 261 -2.82 12.58 -33.10
CA ALA B 261 -1.74 12.01 -33.87
C ALA B 261 -2.07 10.63 -34.40
N ASN B 262 -2.53 9.74 -33.53
CA ASN B 262 -2.83 8.39 -33.96
C ASN B 262 -4.30 8.03 -34.04
N LEU B 263 -5.10 8.86 -34.70
CA LEU B 263 -6.52 8.56 -34.86
C LEU B 263 -6.63 7.14 -35.39
N PRO B 264 -7.53 6.32 -34.82
CA PRO B 264 -7.66 4.95 -35.32
C PRO B 264 -7.82 4.88 -36.84
N ALA B 265 -7.04 3.99 -37.46
CA ALA B 265 -7.04 3.77 -38.91
C ALA B 265 -8.39 3.94 -39.58
N ASP B 266 -9.38 3.19 -39.11
CA ASP B 266 -10.73 3.24 -39.67
C ASP B 266 -11.31 4.65 -39.85
N LEU B 267 -10.98 5.54 -38.92
CA LEU B 267 -11.47 6.92 -38.95
C LEU B 267 -10.62 7.86 -39.81
N ALA B 268 -9.53 7.34 -40.35
CA ALA B 268 -8.60 8.13 -41.15
C ALA B 268 -9.18 8.77 -42.41
N GLY B 269 -10.14 8.13 -43.06
CA GLY B 269 -10.70 8.70 -44.26
C GLY B 269 -11.91 9.60 -44.12
N LEU B 270 -12.41 9.75 -42.90
CA LEU B 270 -13.60 10.57 -42.67
C LEU B 270 -13.27 12.06 -42.56
N PRO B 271 -14.13 12.91 -43.12
CA PRO B 271 -13.86 14.35 -43.02
C PRO B 271 -13.90 14.65 -41.53
N THR B 272 -13.01 15.51 -41.06
CA THR B 272 -12.94 15.78 -39.63
C THR B 272 -12.87 17.25 -39.22
N ASP B 273 -13.76 17.65 -38.33
CA ASP B 273 -13.77 19.02 -37.81
C ASP B 273 -13.57 18.88 -36.30
N THR B 274 -13.12 19.96 -35.66
CA THR B 274 -12.94 19.91 -34.23
C THR B 274 -13.58 21.14 -33.60
N LEU B 275 -14.26 20.94 -32.47
CA LEU B 275 -14.89 22.05 -31.76
C LEU B 275 -14.10 22.19 -30.47
N PHE B 276 -13.92 23.43 -30.00
CA PHE B 276 -13.15 23.68 -28.80
C PHE B 276 -13.93 23.63 -27.49
N LEU B 277 -13.22 23.32 -26.42
CA LEU B 277 -13.81 23.25 -25.10
C LEU B 277 -14.31 24.64 -24.74
N GLN B 278 -15.59 24.75 -24.41
CA GLN B 278 -16.18 26.03 -24.05
C GLN B 278 -16.10 26.22 -22.54
N PRO B 279 -16.05 27.48 -22.07
CA PRO B 279 -15.95 27.88 -20.66
C PRO B 279 -17.13 27.44 -19.81
N VAL B 280 -18.33 27.76 -20.29
CA VAL B 280 -19.54 27.42 -19.57
C VAL B 280 -20.39 26.50 -20.44
N ASN B 281 -21.15 25.61 -19.79
CA ASN B 281 -22.02 24.72 -20.54
C ASN B 281 -23.02 25.62 -21.24
N MET B 282 -23.08 25.53 -22.57
CA MET B 282 -23.98 26.34 -23.38
C MET B 282 -25.46 26.17 -23.03
N VAL B 283 -26.09 27.25 -22.60
CA VAL B 283 -27.50 27.23 -22.22
C VAL B 283 -28.31 28.17 -23.12
N GLY B 284 -27.62 29.15 -23.72
CA GLY B 284 -28.29 30.10 -24.59
C GLY B 284 -27.85 30.07 -26.04
N VAL B 285 -28.67 30.66 -26.91
CA VAL B 285 -28.39 30.72 -28.34
C VAL B 285 -27.00 31.28 -28.68
N SER B 286 -26.55 32.29 -27.93
CA SER B 286 -25.25 32.87 -28.21
C SER B 286 -24.13 31.89 -27.88
N ALA B 287 -24.34 31.11 -26.82
CA ALA B 287 -23.36 30.11 -26.39
C ALA B 287 -23.29 29.00 -27.42
N LEU B 288 -24.46 28.48 -27.83
CA LEU B 288 -24.52 27.41 -28.82
C LEU B 288 -23.77 27.82 -30.08
N SER B 289 -23.86 29.11 -30.41
CA SER B 289 -23.21 29.64 -31.60
C SER B 289 -21.70 29.66 -31.48
N ARG B 290 -21.22 30.12 -30.33
CA ARG B 290 -19.77 30.19 -30.10
C ARG B 290 -19.12 28.81 -30.23
N LEU B 291 -19.93 27.76 -30.16
CA LEU B 291 -19.43 26.39 -30.26
C LEU B 291 -18.90 26.09 -31.65
N LEU B 292 -19.49 26.71 -32.67
CA LEU B 292 -19.05 26.46 -34.04
C LEU B 292 -17.81 27.26 -34.45
N SER B 293 -17.56 28.38 -33.77
CA SER B 293 -16.41 29.24 -34.07
C SER B 293 -15.13 28.48 -34.41
N THR B 294 -14.52 28.82 -35.54
CA THR B 294 -13.29 28.19 -35.99
C THR B 294 -12.08 28.62 -35.17
N GLN B 295 -12.27 29.66 -34.36
CA GLN B 295 -11.19 30.17 -33.53
C GLN B 295 -11.66 30.48 -32.11
N PRO B 296 -10.93 30.01 -31.09
CA PRO B 296 -11.27 30.22 -29.67
C PRO B 296 -11.58 31.69 -29.35
N GLN B 307 -9.26 28.85 -5.49
CA GLN B 307 -10.47 28.96 -6.31
C GLN B 307 -11.70 28.36 -5.60
N GLN B 308 -11.93 27.07 -5.80
CA GLN B 308 -13.05 26.37 -5.19
C GLN B 308 -12.63 24.94 -4.81
N ARG B 309 -13.46 24.25 -4.03
CA ARG B 309 -13.14 22.88 -3.62
C ARG B 309 -14.32 22.26 -2.88
N PRO B 310 -15.08 21.37 -3.56
CA PRO B 310 -16.24 20.72 -2.94
C PRO B 310 -15.90 19.86 -1.72
N ASP B 311 -16.93 19.51 -0.96
CA ASP B 311 -16.77 18.72 0.26
C ASP B 311 -17.09 17.24 0.10
N ILE B 312 -16.36 16.57 -0.79
CA ILE B 312 -16.55 15.14 -1.02
C ILE B 312 -15.29 14.40 -0.64
N PRO B 313 -15.45 13.26 0.06
CA PRO B 313 -14.28 12.47 0.47
C PRO B 313 -13.63 11.90 -0.77
N SER B 314 -12.36 11.51 -0.65
CA SER B 314 -11.63 10.94 -1.76
C SER B 314 -11.96 9.46 -1.91
N LEU B 315 -11.40 8.83 -2.93
CA LEU B 315 -11.64 7.43 -3.19
C LEU B 315 -11.04 6.56 -2.07
N SER B 316 -9.94 7.01 -1.47
CA SER B 316 -9.33 6.21 -0.40
C SER B 316 -10.29 6.07 0.77
N ALA B 317 -11.18 7.05 0.94
CA ALA B 317 -12.15 7.00 2.02
C ALA B 317 -13.12 5.83 1.85
N LEU B 318 -13.52 5.56 0.61
CA LEU B 318 -14.43 4.45 0.34
C LEU B 318 -13.68 3.15 0.52
N VAL B 319 -12.42 3.14 0.10
CA VAL B 319 -11.58 1.97 0.24
C VAL B 319 -11.49 1.67 1.73
N ASP B 320 -11.30 2.73 2.51
CA ASP B 320 -11.21 2.56 3.96
C ASP B 320 -12.45 1.90 4.53
N ASP B 321 -13.64 2.44 4.24
CA ASP B 321 -14.84 1.83 4.77
C ASP B 321 -15.05 0.39 4.35
N ILE B 322 -14.68 0.01 3.13
CA ILE B 322 -14.89 -1.39 2.78
C ILE B 322 -13.83 -2.18 3.57
N ALA B 323 -12.78 -1.48 3.97
CA ALA B 323 -11.69 -2.07 4.74
C ALA B 323 -12.05 -2.28 6.22
N ARG B 324 -13.31 -2.03 6.56
CA ARG B 324 -13.80 -2.25 7.92
C ARG B 324 -14.00 -3.76 8.06
N ASN B 325 -14.24 -4.41 6.94
CA ASN B 325 -14.49 -5.85 6.91
C ASN B 325 -13.27 -6.66 6.52
N GLU B 326 -13.41 -7.99 6.59
CA GLU B 326 -12.32 -8.90 6.25
C GLU B 326 -12.32 -9.28 4.76
N HIS B 327 -13.52 -9.44 4.19
CA HIS B 327 -13.69 -9.84 2.79
C HIS B 327 -14.91 -9.21 2.15
N GLY B 328 -15.31 -9.72 0.99
CA GLY B 328 -16.49 -9.20 0.34
C GLY B 328 -16.36 -8.97 -1.15
N LEU B 329 -17.49 -8.93 -1.83
CA LEU B 329 -17.54 -8.71 -3.27
C LEU B 329 -17.72 -7.24 -3.59
N ILE B 330 -16.85 -6.72 -4.45
CA ILE B 330 -16.94 -5.31 -4.84
C ILE B 330 -17.08 -5.24 -6.35
N MET B 331 -18.16 -4.61 -6.82
CA MET B 331 -18.40 -4.50 -8.24
C MET B 331 -18.50 -3.07 -8.70
N LEU B 332 -17.66 -2.70 -9.66
CA LEU B 332 -17.69 -1.36 -10.22
C LEU B 332 -18.57 -1.42 -11.46
N MET B 333 -19.60 -0.58 -11.47
CA MET B 333 -20.56 -0.53 -12.56
C MET B 333 -20.70 0.87 -13.15
N GLY B 334 -21.18 0.95 -14.38
CA GLY B 334 -21.34 2.24 -15.02
C GLY B 334 -21.33 2.15 -16.53
N LYS B 335 -21.55 3.29 -17.18
CA LYS B 335 -21.58 3.35 -18.64
C LYS B 335 -20.20 3.06 -19.21
N GLY B 336 -20.12 2.95 -20.53
CA GLY B 336 -18.85 2.68 -21.17
C GLY B 336 -17.85 3.80 -20.97
N GLY B 337 -16.61 3.44 -20.66
CA GLY B 337 -15.58 4.44 -20.50
C GLY B 337 -15.56 5.40 -19.33
N VAL B 338 -16.50 5.30 -18.38
CA VAL B 338 -16.50 6.21 -17.25
C VAL B 338 -15.27 5.99 -16.36
N GLY B 339 -14.67 4.80 -16.47
CA GLY B 339 -13.49 4.49 -15.68
C GLY B 339 -13.63 3.34 -14.71
N LYS B 340 -14.55 2.42 -14.96
CA LYS B 340 -14.74 1.29 -14.08
C LYS B 340 -13.45 0.54 -13.79
N THR B 341 -12.67 0.29 -14.85
CA THR B 341 -11.43 -0.45 -14.74
C THR B 341 -10.31 0.25 -13.98
N THR B 342 -10.21 1.56 -14.12
CA THR B 342 -9.18 2.29 -13.41
C THR B 342 -9.53 2.30 -11.93
N MET B 343 -10.78 2.62 -11.61
CA MET B 343 -11.24 2.65 -10.21
C MET B 343 -11.08 1.29 -9.54
N ALA B 344 -11.43 0.22 -10.24
CA ALA B 344 -11.31 -1.12 -9.69
C ALA B 344 -9.85 -1.43 -9.36
N ALA B 345 -8.96 -1.19 -10.31
CA ALA B 345 -7.56 -1.46 -10.08
C ALA B 345 -7.07 -0.61 -8.89
N ALA B 346 -7.46 0.65 -8.88
CA ALA B 346 -7.04 1.54 -7.80
C ALA B 346 -7.52 1.03 -6.44
N ILE B 347 -8.74 0.50 -6.39
CA ILE B 347 -9.25 0.00 -5.13
C ILE B 347 -8.45 -1.23 -4.75
N ALA B 348 -8.35 -2.17 -5.68
CA ALA B 348 -7.62 -3.40 -5.44
C ALA B 348 -6.20 -3.15 -4.93
N VAL B 349 -5.46 -2.28 -5.58
CA VAL B 349 -4.09 -1.99 -5.15
C VAL B 349 -4.04 -1.49 -3.72
N ARG B 350 -4.95 -0.58 -3.37
CA ARG B 350 -4.98 -0.02 -2.03
C ARG B 350 -5.20 -1.08 -0.97
N LEU B 351 -6.23 -1.89 -1.17
CA LEU B 351 -6.57 -2.96 -0.25
C LEU B 351 -5.36 -3.86 -0.04
N ALA B 352 -4.72 -4.22 -1.15
CA ALA B 352 -3.54 -5.08 -1.13
C ALA B 352 -2.44 -4.40 -0.35
N ASP B 353 -2.07 -3.20 -0.77
CA ASP B 353 -1.03 -2.43 -0.06
C ASP B 353 -1.29 -2.32 1.44
N MET B 354 -2.57 -2.33 1.83
CA MET B 354 -2.91 -2.23 3.24
C MET B 354 -2.95 -3.58 3.95
N GLY B 355 -2.41 -4.62 3.31
CA GLY B 355 -2.37 -5.92 3.95
C GLY B 355 -3.53 -6.87 3.75
N PHE B 356 -4.53 -6.45 3.00
CA PHE B 356 -5.69 -7.31 2.76
C PHE B 356 -5.52 -8.12 1.48
N ASP B 357 -5.98 -9.37 1.52
CA ASP B 357 -5.90 -10.28 0.38
C ASP B 357 -7.01 -9.95 -0.61
N VAL B 358 -6.61 -9.57 -1.82
CA VAL B 358 -7.54 -9.18 -2.88
C VAL B 358 -7.40 -9.96 -4.20
N HIS B 359 -8.53 -10.11 -4.88
CA HIS B 359 -8.59 -10.79 -6.18
C HIS B 359 -9.35 -9.90 -7.15
N LEU B 360 -8.61 -9.31 -8.07
CA LEU B 360 -9.17 -8.42 -9.09
C LEU B 360 -9.48 -9.20 -10.37
N THR B 361 -10.61 -8.89 -11.00
CA THR B 361 -11.01 -9.54 -12.25
C THR B 361 -11.24 -8.47 -13.32
N THR B 362 -11.00 -8.82 -14.57
CA THR B 362 -11.19 -7.89 -15.65
C THR B 362 -11.23 -8.57 -17.00
N SER B 363 -11.96 -7.99 -17.94
CA SER B 363 -12.05 -8.55 -19.29
C SER B 363 -11.31 -7.61 -20.23
N ASP B 364 -10.36 -6.86 -19.66
CA ASP B 364 -9.54 -5.89 -20.39
C ASP B 364 -8.07 -6.36 -20.39
N PRO B 365 -7.47 -6.49 -21.58
CA PRO B 365 -6.08 -6.93 -21.71
C PRO B 365 -5.08 -5.79 -21.53
N ALA B 366 -4.86 -5.37 -20.29
CA ALA B 366 -3.92 -4.28 -20.03
C ALA B 366 -3.49 -4.19 -18.57
N ALA B 367 -4.42 -4.50 -17.65
CA ALA B 367 -4.12 -4.46 -16.23
C ALA B 367 -2.96 -5.39 -15.86
N LEU B 377 0.81 -8.47 -7.40
CA LEU B 377 2.25 -8.46 -7.18
C LEU B 377 2.59 -8.95 -5.76
N ASN B 378 1.57 -9.13 -4.93
CA ASN B 378 1.77 -9.59 -3.55
C ASN B 378 0.47 -10.17 -2.98
N ASN B 379 -0.32 -9.31 -2.34
CA ASN B 379 -1.60 -9.70 -1.75
C ASN B 379 -2.68 -9.63 -2.84
N LEU B 380 -2.22 -9.36 -4.06
CA LEU B 380 -3.14 -9.19 -5.17
C LEU B 380 -2.99 -10.17 -6.32
N GLN B 381 -4.07 -10.86 -6.66
CA GLN B 381 -4.04 -11.76 -7.80
C GLN B 381 -5.03 -11.21 -8.83
N VAL B 382 -4.61 -11.18 -10.08
CA VAL B 382 -5.45 -10.65 -11.14
C VAL B 382 -5.85 -11.72 -12.13
N SER B 383 -7.12 -11.70 -12.52
CA SER B 383 -7.64 -12.64 -13.49
C SER B 383 -8.18 -11.83 -14.67
N ARG B 384 -7.77 -12.22 -15.86
CA ARG B 384 -8.21 -11.55 -17.06
C ARG B 384 -8.93 -12.63 -17.84
N ILE B 385 -10.09 -12.32 -18.39
CA ILE B 385 -10.79 -13.32 -19.20
C ILE B 385 -10.96 -12.69 -20.56
N ASP B 386 -10.95 -13.49 -21.60
CA ASP B 386 -11.12 -12.97 -22.95
C ASP B 386 -12.61 -12.87 -23.23
N PRO B 387 -13.13 -11.64 -23.32
CA PRO B 387 -14.55 -11.37 -23.58
C PRO B 387 -15.10 -12.06 -24.82
N HIS B 388 -14.30 -12.08 -25.89
CA HIS B 388 -14.73 -12.72 -27.13
C HIS B 388 -14.87 -14.23 -26.95
N GLU B 389 -13.89 -14.84 -26.31
CA GLU B 389 -13.91 -16.27 -26.08
C GLU B 389 -15.15 -16.65 -25.27
N GLU B 390 -15.42 -15.89 -24.21
CA GLU B 390 -16.58 -16.12 -23.36
C GLU B 390 -17.88 -15.89 -24.13
N THR B 391 -17.95 -14.78 -24.84
CA THR B 391 -19.12 -14.44 -25.61
C THR B 391 -19.50 -15.55 -26.59
N GLU B 392 -18.53 -16.10 -27.29
CA GLU B 392 -18.82 -17.18 -28.23
C GLU B 392 -19.27 -18.45 -27.50
N ARG B 393 -18.66 -18.70 -26.34
CA ARG B 393 -19.03 -19.85 -25.53
C ARG B 393 -20.53 -19.75 -25.25
N TYR B 394 -20.93 -18.62 -24.67
CA TYR B 394 -22.32 -18.36 -24.34
C TYR B 394 -23.20 -18.44 -25.57
N ARG B 395 -22.82 -17.71 -26.63
CA ARG B 395 -23.59 -17.72 -27.85
C ARG B 395 -23.82 -19.14 -28.30
N GLN B 396 -22.74 -19.91 -28.40
CA GLN B 396 -22.86 -21.29 -28.84
C GLN B 396 -23.84 -22.08 -27.96
N HIS B 397 -23.89 -21.73 -26.68
CA HIS B 397 -24.78 -22.42 -25.74
C HIS B 397 -26.25 -22.12 -25.97
N VAL B 398 -26.59 -20.85 -26.16
CA VAL B 398 -27.97 -20.49 -26.39
C VAL B 398 -28.44 -20.94 -27.78
N LEU B 399 -27.49 -21.06 -28.69
CA LEU B 399 -27.81 -21.48 -30.05
C LEU B 399 -28.28 -22.93 -30.12
N GLU B 400 -27.62 -23.82 -29.39
CA GLU B 400 -28.03 -25.22 -29.45
C GLU B 400 -29.33 -25.46 -28.71
N THR B 401 -29.47 -24.83 -27.55
CA THR B 401 -30.67 -24.99 -26.73
C THR B 401 -31.92 -24.32 -27.29
N LYS B 402 -31.77 -23.11 -27.80
CA LYS B 402 -32.92 -22.37 -28.33
C LYS B 402 -33.03 -22.38 -29.85
N GLY B 403 -32.13 -23.10 -30.51
CA GLY B 403 -32.16 -23.14 -31.96
C GLY B 403 -32.75 -24.43 -32.52
N LYS B 404 -32.88 -25.44 -31.65
CA LYS B 404 -33.42 -26.73 -32.06
C LYS B 404 -34.74 -26.51 -32.78
N GLU B 405 -34.80 -26.98 -34.02
CA GLU B 405 -35.99 -26.81 -34.86
C GLU B 405 -36.42 -25.33 -34.91
N LEU B 406 -35.72 -24.61 -35.78
CA LEU B 406 -35.93 -23.19 -36.04
C LEU B 406 -35.30 -23.13 -37.43
N ASP B 407 -35.92 -22.44 -38.38
CA ASP B 407 -35.33 -22.40 -39.73
C ASP B 407 -34.09 -21.52 -39.80
N GLU B 408 -33.37 -21.58 -40.92
CA GLU B 408 -32.16 -20.80 -41.07
C GLU B 408 -32.37 -19.32 -40.83
N ALA B 409 -33.53 -18.79 -41.23
CA ALA B 409 -33.81 -17.37 -41.04
C ALA B 409 -33.96 -17.04 -39.55
N GLY B 410 -34.55 -17.94 -38.79
CA GLY B 410 -34.74 -17.71 -37.37
C GLY B 410 -33.43 -17.82 -36.61
N LYS B 411 -32.60 -18.77 -37.01
CA LYS B 411 -31.31 -18.95 -36.38
C LYS B 411 -30.50 -17.65 -36.51
N ARG B 412 -30.58 -17.00 -37.68
CA ARG B 412 -29.85 -15.76 -37.92
C ARG B 412 -30.39 -14.62 -37.03
N LEU B 413 -31.71 -14.59 -36.84
CA LEU B 413 -32.31 -13.57 -35.99
C LEU B 413 -31.83 -13.81 -34.56
N LEU B 414 -31.75 -15.08 -34.19
CA LEU B 414 -31.31 -15.45 -32.86
C LEU B 414 -29.84 -15.06 -32.71
N GLU B 415 -29.06 -15.26 -33.77
CA GLU B 415 -27.64 -14.94 -33.73
C GLU B 415 -27.37 -13.44 -33.64
N GLU B 416 -28.27 -12.65 -34.22
CA GLU B 416 -28.11 -11.20 -34.16
C GLU B 416 -28.48 -10.70 -32.76
N ASP B 417 -29.45 -11.35 -32.14
CA ASP B 417 -29.87 -10.99 -30.80
C ASP B 417 -28.70 -11.26 -29.87
N LEU B 418 -27.96 -12.31 -30.18
CA LEU B 418 -26.79 -12.71 -29.40
C LEU B 418 -25.59 -11.86 -29.78
N ARG B 419 -25.85 -10.78 -30.51
CA ARG B 419 -24.80 -9.86 -30.94
C ARG B 419 -25.16 -8.53 -30.27
N SER B 420 -26.11 -8.61 -29.35
CA SER B 420 -26.61 -7.47 -28.57
C SER B 420 -25.57 -7.11 -27.49
N PRO B 421 -25.56 -5.85 -27.02
CA PRO B 421 -24.60 -5.45 -25.98
C PRO B 421 -24.63 -6.32 -24.74
N CYS B 422 -25.84 -6.60 -24.25
CA CYS B 422 -25.99 -7.39 -23.03
C CYS B 422 -25.44 -8.80 -23.16
N THR B 423 -25.40 -9.33 -24.38
CA THR B 423 -24.89 -10.69 -24.57
C THR B 423 -23.48 -10.86 -23.97
N GLU B 424 -22.57 -9.96 -24.36
CA GLU B 424 -21.22 -10.03 -23.84
C GLU B 424 -21.20 -9.75 -22.34
N GLU B 425 -22.03 -8.81 -21.90
CA GLU B 425 -22.10 -8.47 -20.48
C GLU B 425 -22.48 -9.70 -19.67
N ILE B 426 -23.38 -10.53 -20.21
CA ILE B 426 -23.81 -11.75 -19.54
C ILE B 426 -22.71 -12.78 -19.54
N ALA B 427 -22.13 -13.02 -20.71
CA ALA B 427 -21.05 -13.99 -20.86
C ALA B 427 -19.87 -13.72 -19.90
N VAL B 428 -19.46 -12.45 -19.81
CA VAL B 428 -18.35 -12.09 -18.94
C VAL B 428 -18.69 -12.28 -17.45
N PHE B 429 -19.93 -11.95 -17.07
CA PHE B 429 -20.38 -12.12 -15.69
C PHE B 429 -20.32 -13.60 -15.30
N GLN B 430 -20.85 -14.46 -16.15
CA GLN B 430 -20.86 -15.90 -15.85
C GLN B 430 -19.45 -16.47 -15.73
N ALA B 431 -18.53 -15.99 -16.55
CA ALA B 431 -17.15 -16.46 -16.52
C ALA B 431 -16.44 -16.13 -15.20
N PHE B 432 -17.06 -15.26 -14.41
CA PHE B 432 -16.46 -14.86 -13.13
C PHE B 432 -17.10 -15.54 -11.93
N SER B 433 -18.20 -16.24 -12.16
CA SER B 433 -18.92 -16.91 -11.08
C SER B 433 -18.01 -17.77 -10.22
N ARG B 434 -16.97 -18.35 -10.83
CA ARG B 434 -16.04 -19.19 -10.08
C ARG B 434 -15.30 -18.41 -9.00
N VAL B 435 -14.80 -17.23 -9.36
CA VAL B 435 -14.06 -16.41 -8.41
C VAL B 435 -15.01 -15.69 -7.46
N ILE B 436 -16.21 -15.37 -7.92
CA ILE B 436 -17.19 -14.68 -7.10
C ILE B 436 -17.39 -15.42 -5.79
N ARG B 437 -17.22 -16.73 -5.82
CA ARG B 437 -17.39 -17.54 -4.63
C ARG B 437 -16.25 -17.32 -3.64
N GLU B 438 -15.18 -16.66 -4.08
CA GLU B 438 -14.04 -16.37 -3.21
C GLU B 438 -14.35 -15.16 -2.33
N ALA B 439 -15.51 -14.55 -2.56
CA ALA B 439 -15.93 -13.38 -1.80
C ALA B 439 -16.19 -13.71 -0.34
N GLY B 440 -16.26 -15.00 -0.05
CA GLY B 440 -16.49 -15.43 1.32
C GLY B 440 -15.23 -15.35 2.15
N LYS B 441 -14.07 -15.56 1.52
CA LYS B 441 -12.79 -15.51 2.23
C LYS B 441 -11.86 -14.33 1.90
N ARG B 442 -12.18 -13.54 0.88
CA ARG B 442 -11.35 -12.38 0.55
C ARG B 442 -12.11 -11.34 -0.25
N PHE B 443 -11.42 -10.29 -0.67
CA PHE B 443 -12.05 -9.24 -1.46
C PHE B 443 -11.99 -9.55 -2.93
N VAL B 444 -13.15 -9.60 -3.58
CA VAL B 444 -13.20 -9.85 -5.00
C VAL B 444 -13.64 -8.53 -5.63
N VAL B 445 -12.82 -8.01 -6.53
CA VAL B 445 -13.11 -6.76 -7.20
C VAL B 445 -13.35 -6.96 -8.69
N MET B 446 -14.50 -6.52 -9.16
CA MET B 446 -14.89 -6.66 -10.56
C MET B 446 -15.03 -5.29 -11.22
N ASP B 447 -14.64 -5.17 -12.49
CA ASP B 447 -14.72 -3.88 -13.17
C ASP B 447 -15.86 -3.75 -14.17
N THR B 448 -16.88 -4.59 -14.02
CA THR B 448 -18.04 -4.54 -14.91
C THR B 448 -19.10 -5.53 -14.43
N ALA B 449 -20.35 -5.26 -14.80
CA ALA B 449 -21.47 -6.12 -14.39
C ALA B 449 -22.65 -5.95 -15.33
N PRO B 450 -23.56 -6.93 -15.35
CA PRO B 450 -24.71 -6.75 -16.24
C PRO B 450 -25.64 -5.69 -15.65
N THR B 451 -26.68 -5.34 -16.39
CA THR B 451 -27.66 -4.37 -15.92
C THR B 451 -28.63 -5.06 -14.96
N GLY B 452 -29.36 -4.26 -14.17
CA GLY B 452 -30.34 -4.85 -13.26
C GLY B 452 -31.35 -5.65 -14.06
N HIS B 453 -31.72 -5.12 -15.23
CA HIS B 453 -32.67 -5.78 -16.12
C HIS B 453 -32.15 -7.16 -16.48
N THR B 454 -30.88 -7.22 -16.92
CA THR B 454 -30.31 -8.49 -17.31
C THR B 454 -30.18 -9.45 -16.13
N LEU B 455 -29.81 -8.93 -14.97
CA LEU B 455 -29.68 -9.80 -13.80
C LEU B 455 -31.06 -10.40 -13.53
N LEU B 456 -32.11 -9.57 -13.59
CA LEU B 456 -33.47 -10.05 -13.36
C LEU B 456 -33.80 -11.15 -14.38
N LEU B 457 -33.33 -10.96 -15.61
CA LEU B 457 -33.57 -11.92 -16.67
C LEU B 457 -32.84 -13.23 -16.36
N LEU B 458 -31.57 -13.12 -15.96
CA LEU B 458 -30.78 -14.30 -15.64
C LEU B 458 -31.34 -15.03 -14.43
N ASP B 459 -31.97 -14.28 -13.53
CA ASP B 459 -32.54 -14.87 -12.32
C ASP B 459 -33.88 -15.54 -12.57
N ALA B 460 -34.29 -15.59 -13.83
CA ALA B 460 -35.55 -16.23 -14.18
C ALA B 460 -35.31 -17.69 -14.54
N THR B 461 -34.52 -18.39 -13.71
CA THR B 461 -34.23 -19.80 -13.92
C THR B 461 -34.08 -20.53 -12.59
N THR B 479 -25.59 -21.17 -12.15
CA THR B 479 -26.79 -20.33 -12.09
C THR B 479 -26.47 -18.96 -11.51
N THR B 480 -27.42 -18.04 -11.61
CA THR B 480 -27.28 -16.67 -11.12
C THR B 480 -27.55 -16.55 -9.62
N PRO B 481 -26.57 -16.05 -8.85
CA PRO B 481 -26.72 -15.89 -7.41
C PRO B 481 -27.25 -14.49 -7.02
N MET B 482 -28.54 -14.26 -7.26
CA MET B 482 -29.15 -12.97 -6.94
C MET B 482 -29.06 -12.56 -5.48
N MET B 483 -29.34 -13.51 -4.59
CA MET B 483 -29.31 -13.25 -3.15
C MET B 483 -28.00 -12.61 -2.72
N LEU B 484 -26.89 -13.12 -3.26
CA LEU B 484 -25.57 -12.60 -2.93
C LEU B 484 -25.44 -11.16 -3.41
N LEU B 485 -25.85 -10.90 -4.64
CA LEU B 485 -25.76 -9.56 -5.19
C LEU B 485 -26.67 -8.59 -4.44
N GLN B 486 -27.81 -9.08 -3.99
CA GLN B 486 -28.79 -8.28 -3.27
C GLN B 486 -28.42 -8.07 -1.81
N ASP B 487 -27.43 -8.81 -1.35
CA ASP B 487 -27.00 -8.72 0.04
C ASP B 487 -26.06 -7.55 0.32
N PRO B 488 -26.55 -6.51 1.01
CA PRO B 488 -25.77 -5.32 1.35
C PRO B 488 -24.47 -5.66 2.07
N GLU B 489 -24.48 -6.76 2.79
CA GLU B 489 -23.30 -7.18 3.53
C GLU B 489 -22.28 -7.70 2.53
N ARG B 490 -22.60 -8.84 1.95
CA ARG B 490 -21.75 -9.53 0.99
C ARG B 490 -21.39 -8.80 -0.30
N THR B 491 -22.24 -7.88 -0.76
CA THR B 491 -21.95 -7.17 -2.00
C THR B 491 -22.11 -5.66 -1.93
N LYS B 492 -21.12 -4.95 -2.45
CA LYS B 492 -21.10 -3.50 -2.50
C LYS B 492 -20.88 -3.08 -3.93
N VAL B 493 -21.92 -2.53 -4.54
CA VAL B 493 -21.84 -2.08 -5.92
C VAL B 493 -21.47 -0.60 -5.96
N LEU B 494 -20.42 -0.30 -6.71
CA LEU B 494 -19.96 1.07 -6.85
C LEU B 494 -20.24 1.60 -8.25
N LEU B 495 -21.12 2.59 -8.34
CA LEU B 495 -21.46 3.19 -9.61
C LEU B 495 -20.41 4.24 -9.97
N VAL B 496 -19.84 4.13 -11.15
CA VAL B 496 -18.83 5.09 -11.58
C VAL B 496 -19.39 6.06 -12.61
N THR B 497 -19.13 7.35 -12.42
CA THR B 497 -19.63 8.34 -13.34
C THR B 497 -18.72 9.55 -13.50
N LEU B 498 -19.23 10.55 -14.22
CA LEU B 498 -18.52 11.78 -14.49
C LEU B 498 -19.33 12.95 -13.92
N PRO B 499 -18.65 14.05 -13.55
CA PRO B 499 -19.30 15.23 -12.99
C PRO B 499 -19.99 16.01 -14.10
N GLU B 500 -20.77 15.30 -14.91
CA GLU B 500 -21.46 15.89 -16.05
C GLU B 500 -22.93 15.49 -16.12
N THR B 501 -23.77 16.42 -16.60
CA THR B 501 -25.22 16.24 -16.73
C THR B 501 -25.69 14.88 -17.28
N THR B 502 -25.44 14.63 -18.56
CA THR B 502 -25.86 13.37 -19.16
C THR B 502 -25.34 12.13 -18.41
N PRO B 503 -24.00 12.02 -18.20
CA PRO B 503 -23.46 10.87 -17.47
C PRO B 503 -24.18 10.61 -16.14
N VAL B 504 -24.46 11.68 -15.40
CA VAL B 504 -25.16 11.55 -14.12
C VAL B 504 -26.54 10.93 -14.32
N LEU B 505 -27.27 11.47 -15.28
CA LEU B 505 -28.60 10.98 -15.62
C LEU B 505 -28.58 9.49 -15.97
N GLU B 506 -27.58 9.07 -16.74
CA GLU B 506 -27.44 7.67 -17.13
C GLU B 506 -27.10 6.81 -15.90
N ALA B 507 -26.21 7.32 -15.06
CA ALA B 507 -25.82 6.61 -13.85
C ALA B 507 -27.06 6.43 -12.98
N ALA B 508 -27.85 7.50 -12.84
CA ALA B 508 -29.06 7.44 -12.04
C ALA B 508 -30.04 6.41 -12.59
N ASN B 509 -30.15 6.33 -13.91
CA ASN B 509 -31.03 5.36 -14.54
C ASN B 509 -30.52 3.96 -14.23
N LEU B 510 -29.23 3.76 -14.44
CA LEU B 510 -28.59 2.49 -14.19
C LEU B 510 -28.87 2.02 -12.76
N GLN B 511 -28.87 2.96 -11.84
CA GLN B 511 -29.12 2.66 -10.42
C GLN B 511 -30.58 2.29 -10.17
N ALA B 512 -31.49 3.00 -10.86
CA ALA B 512 -32.91 2.71 -10.70
C ALA B 512 -33.15 1.27 -11.16
N ASP B 513 -32.51 0.91 -12.27
CA ASP B 513 -32.65 -0.42 -12.82
C ASP B 513 -32.13 -1.49 -11.87
N LEU B 514 -30.99 -1.24 -11.25
CA LEU B 514 -30.41 -2.17 -10.30
C LEU B 514 -31.33 -2.29 -9.08
N GLU B 515 -31.92 -1.17 -8.69
CA GLU B 515 -32.81 -1.17 -7.54
C GLU B 515 -34.07 -1.97 -7.81
N ARG B 516 -34.52 -2.00 -9.07
CA ARG B 516 -35.71 -2.79 -9.42
C ARG B 516 -35.31 -4.24 -9.22
N ALA B 517 -34.02 -4.53 -9.35
CA ALA B 517 -33.52 -5.88 -9.19
C ALA B 517 -33.05 -6.14 -7.76
N GLY B 518 -33.52 -5.30 -6.84
CA GLY B 518 -33.17 -5.47 -5.44
C GLY B 518 -31.74 -5.20 -5.02
N ILE B 519 -30.95 -4.63 -5.92
CA ILE B 519 -29.55 -4.32 -5.61
C ILE B 519 -29.42 -2.81 -5.42
N HIS B 520 -28.95 -2.38 -4.26
CA HIS B 520 -28.81 -0.95 -4.02
C HIS B 520 -27.33 -0.54 -3.99
N PRO B 521 -26.92 0.35 -4.91
CA PRO B 521 -25.52 0.78 -4.96
C PRO B 521 -25.03 1.29 -3.61
N TRP B 522 -23.92 0.74 -3.15
CA TRP B 522 -23.35 1.13 -1.87
C TRP B 522 -22.76 2.52 -1.95
N GLY B 523 -22.26 2.88 -3.12
CA GLY B 523 -21.67 4.19 -3.27
C GLY B 523 -21.43 4.61 -4.72
N TRP B 524 -21.09 5.88 -4.87
CA TRP B 524 -20.82 6.47 -6.18
C TRP B 524 -19.43 7.08 -6.20
N ILE B 525 -18.77 6.95 -7.34
CA ILE B 525 -17.44 7.50 -7.53
C ILE B 525 -17.56 8.46 -8.72
N ILE B 526 -17.22 9.72 -8.50
CA ILE B 526 -17.27 10.70 -9.58
C ILE B 526 -15.85 10.85 -10.10
N ASN B 527 -15.58 10.23 -11.25
CA ASN B 527 -14.25 10.27 -11.86
C ASN B 527 -14.00 11.50 -12.72
N ASN B 528 -12.75 11.69 -13.14
CA ASN B 528 -12.35 12.81 -13.98
C ASN B 528 -12.88 14.16 -13.54
N SER B 529 -12.53 14.57 -12.31
CA SER B 529 -12.99 15.85 -11.82
C SER B 529 -11.86 16.87 -11.85
N LEU B 530 -12.17 18.07 -12.33
CA LEU B 530 -11.19 19.14 -12.40
C LEU B 530 -11.26 19.93 -11.09
N SER B 531 -12.38 19.79 -10.38
CA SER B 531 -12.55 20.49 -9.11
C SER B 531 -11.48 20.08 -8.10
N ILE B 532 -11.32 18.77 -7.92
CA ILE B 532 -10.36 18.24 -6.97
C ILE B 532 -8.98 18.14 -7.60
N ALA B 533 -8.76 18.90 -8.67
CA ALA B 533 -7.48 18.91 -9.37
C ALA B 533 -6.82 20.28 -9.31
N ASP B 534 -5.49 20.29 -9.22
CA ASP B 534 -4.75 21.54 -9.15
C ASP B 534 -4.45 22.11 -10.53
N THR B 535 -4.98 23.31 -10.78
CA THR B 535 -4.78 23.94 -12.07
C THR B 535 -4.96 25.45 -12.00
N ARG B 536 -4.11 26.17 -12.72
CA ARG B 536 -4.18 27.62 -12.77
C ARG B 536 -4.90 28.04 -14.05
N SER B 537 -5.00 27.11 -15.00
CA SER B 537 -5.67 27.38 -16.28
C SER B 537 -7.06 27.99 -16.08
N PRO B 538 -7.24 29.24 -16.54
CA PRO B 538 -8.54 29.90 -16.39
C PRO B 538 -9.70 29.13 -17.02
N LEU B 539 -9.43 28.43 -18.12
CA LEU B 539 -10.48 27.65 -18.78
C LEU B 539 -10.81 26.40 -17.96
N LEU B 540 -9.78 25.65 -17.56
CA LEU B 540 -10.00 24.46 -16.76
C LEU B 540 -10.68 24.80 -15.43
N ARG B 541 -10.34 25.96 -14.86
CA ARG B 541 -10.93 26.39 -13.61
C ARG B 541 -12.38 26.72 -13.86
N MET B 542 -12.65 27.28 -15.03
CA MET B 542 -14.00 27.66 -15.42
C MET B 542 -14.83 26.38 -15.56
N ARG B 543 -14.21 25.34 -16.12
CA ARG B 543 -14.87 24.06 -16.32
C ARG B 543 -15.17 23.41 -14.98
N ALA B 544 -14.23 23.53 -14.04
CA ALA B 544 -14.40 22.95 -12.72
C ALA B 544 -15.60 23.58 -12.03
N GLN B 545 -15.86 24.85 -12.32
CA GLN B 545 -16.99 25.54 -11.71
C GLN B 545 -18.30 24.96 -12.26
N GLN B 546 -18.23 24.43 -13.48
CA GLN B 546 -19.40 23.83 -14.14
C GLN B 546 -19.75 22.45 -13.56
N GLU B 547 -18.80 21.83 -12.85
CA GLU B 547 -19.01 20.51 -12.26
C GLU B 547 -19.85 20.55 -11.01
N LEU B 548 -19.61 21.56 -10.17
CA LEU B 548 -20.30 21.70 -8.89
C LEU B 548 -21.77 21.28 -8.85
N PRO B 549 -22.60 21.75 -9.79
CA PRO B 549 -24.03 21.40 -9.81
C PRO B 549 -24.28 19.88 -9.91
N GLN B 550 -23.46 19.21 -10.73
CA GLN B 550 -23.60 17.77 -10.89
C GLN B 550 -23.09 17.04 -9.65
N ILE B 551 -21.95 17.50 -9.13
CA ILE B 551 -21.39 16.88 -7.93
C ILE B 551 -22.45 17.00 -6.86
N GLU B 552 -23.14 18.14 -6.86
CA GLU B 552 -24.21 18.41 -5.89
C GLU B 552 -25.40 17.46 -6.08
N SER B 553 -25.77 17.17 -7.33
CA SER B 553 -26.88 16.26 -7.62
C SER B 553 -26.61 14.87 -7.05
N VAL B 554 -25.36 14.43 -7.16
CA VAL B 554 -24.98 13.12 -6.67
C VAL B 554 -25.03 13.02 -5.16
N LYS B 555 -24.36 13.93 -4.47
CA LYS B 555 -24.31 13.94 -3.02
C LYS B 555 -25.66 14.22 -2.37
N ARG B 556 -26.52 14.93 -3.09
CA ARG B 556 -27.85 15.28 -2.58
C ARG B 556 -29.02 14.46 -3.11
N GLN B 557 -28.85 13.82 -4.26
CA GLN B 557 -29.98 13.09 -4.82
C GLN B 557 -29.78 11.65 -5.29
N HIS B 558 -28.55 11.25 -5.58
CA HIS B 558 -28.34 9.89 -6.08
C HIS B 558 -27.52 8.93 -5.23
N ALA B 559 -26.80 9.43 -4.23
CA ALA B 559 -25.98 8.52 -3.46
C ALA B 559 -25.66 8.85 -2.01
N SER B 560 -25.52 7.79 -1.22
CA SER B 560 -25.19 7.90 0.20
C SER B 560 -23.69 8.20 0.36
N ARG B 561 -22.85 7.38 -0.26
CA ARG B 561 -21.42 7.59 -0.19
C ARG B 561 -20.92 8.06 -1.55
N VAL B 562 -20.06 9.07 -1.54
CA VAL B 562 -19.52 9.61 -2.77
C VAL B 562 -18.00 9.80 -2.65
N ALA B 563 -17.31 9.54 -3.75
CA ALA B 563 -15.86 9.73 -3.81
C ALA B 563 -15.57 10.61 -5.03
N LEU B 564 -14.60 11.51 -4.90
CA LEU B 564 -14.24 12.40 -6.00
C LEU B 564 -12.80 12.12 -6.42
N VAL B 565 -12.60 11.65 -7.64
CA VAL B 565 -11.26 11.37 -8.14
C VAL B 565 -10.91 12.48 -9.14
N PRO B 566 -9.65 12.96 -9.10
CA PRO B 566 -9.22 14.03 -9.99
C PRO B 566 -8.83 13.60 -11.39
N VAL B 567 -8.79 14.58 -12.29
CA VAL B 567 -8.36 14.32 -13.65
C VAL B 567 -6.85 14.24 -13.49
N LEU B 568 -6.27 13.11 -13.90
CA LEU B 568 -4.83 12.90 -13.79
C LEU B 568 -4.04 13.45 -14.97
N ALA B 569 -2.86 14.00 -14.68
CA ALA B 569 -1.99 14.54 -15.71
C ALA B 569 -1.76 13.43 -16.73
N SER B 570 -1.07 12.39 -16.29
CA SER B 570 -0.77 11.24 -17.14
C SER B 570 -1.82 10.16 -16.93
N GLU B 571 -2.18 9.45 -17.99
CA GLU B 571 -3.18 8.39 -17.89
C GLU B 571 -2.72 7.31 -16.91
N PRO B 572 -3.61 6.90 -16.00
CA PRO B 572 -3.34 5.88 -15.00
C PRO B 572 -2.98 4.52 -15.58
N THR B 573 -1.78 4.41 -16.13
CA THR B 573 -1.31 3.17 -16.72
C THR B 573 -0.32 2.51 -15.76
N GLY B 574 0.42 3.33 -15.05
CA GLY B 574 1.39 2.81 -14.11
C GLY B 574 0.79 2.55 -12.75
N ILE B 575 1.36 1.60 -12.02
CA ILE B 575 0.87 1.24 -10.70
C ILE B 575 1.07 2.43 -9.77
N ASP B 576 2.12 3.20 -10.01
CA ASP B 576 2.41 4.37 -9.19
C ASP B 576 1.44 5.49 -9.52
N LYS B 577 1.28 5.77 -10.81
CA LYS B 577 0.35 6.82 -11.25
C LYS B 577 -1.08 6.44 -10.86
N LEU B 578 -1.27 5.16 -10.58
CA LEU B 578 -2.55 4.60 -10.18
C LEU B 578 -2.80 4.84 -8.69
N LYS B 579 -1.74 4.86 -7.90
CA LYS B 579 -1.81 5.07 -6.46
C LYS B 579 -2.14 6.51 -6.11
N GLN B 580 -2.03 7.39 -7.09
CA GLN B 580 -2.30 8.81 -6.89
C GLN B 580 -3.77 9.17 -7.08
N LEU B 581 -4.58 8.20 -7.51
CA LEU B 581 -6.01 8.43 -7.72
C LEU B 581 -6.78 8.42 -6.39
N ALA B 582 -6.50 7.40 -5.60
CA ALA B 582 -7.16 7.19 -4.31
C ALA B 582 -7.04 8.37 -3.37
N GLY B 583 -5.83 8.94 -3.28
CA GLY B 583 -5.60 10.06 -2.39
C GLY B 583 -5.07 9.50 -1.07
N HIS B 584 -4.58 10.36 -0.20
CA HIS B 584 -4.03 9.91 1.08
C HIS B 584 -5.06 9.44 2.10
N HIS B 585 -4.71 8.44 2.90
CA HIS B 585 -5.59 7.95 3.94
C HIS B 585 -5.79 9.07 4.97
N HIS B 586 -7.00 9.62 5.00
CA HIS B 586 -7.30 10.69 5.94
C HIS B 586 -8.06 10.08 7.10
N HIS B 587 -7.46 10.11 8.28
CA HIS B 587 -8.09 9.53 9.46
C HIS B 587 -9.25 10.43 9.95
N HIS B 588 -10.34 9.81 10.40
CA HIS B 588 -11.49 10.59 10.85
C HIS B 588 -12.36 9.83 11.84
N HIS B 589 -13.22 10.56 12.55
CA HIS B 589 -14.15 9.94 13.50
C HIS B 589 -15.60 10.19 13.07
CD CD C . 31.07 6.21 24.47
CD CD D . 30.15 8.74 27.17
CD CD E . 34.92 4.37 24.90
CD CD F . -6.32 5.82 10.26
CD CD G . -6.64 1.89 15.01
CD CD H . -8.57 -8.94 10.16
CD CD I . 32.59 21.07 16.08
CD CD J . 31.54 2.01 4.16
CD CD K . 6.46 5.91 30.66
CL CL L . 29.28 6.44 26.31
CL CL M . 30.66 7.50 29.33
CL CL N . -8.35 4.24 10.31
MG MG O . 23.44 -12.81 30.43
MG MG P . 20.33 -1.16 11.00
PB ADP Q . 22.81 -13.68 27.51
O1B ADP Q . 21.92 -12.49 27.41
O2B ADP Q . 23.38 -14.19 26.17
O3B ADP Q . 23.86 -13.59 28.61
PA ADP Q . 20.83 -15.96 28.33
O1A ADP Q . 20.39 -15.27 29.56
O2A ADP Q . 21.77 -17.04 28.65
O3A ADP Q . 21.90 -14.87 27.87
O5' ADP Q . 19.46 -15.79 27.56
C5' ADP Q . 18.77 -16.13 26.36
C4' ADP Q . 17.46 -16.51 27.01
O4' ADP Q . 17.29 -17.80 26.30
C3' ADP Q . 16.99 -17.17 28.30
O3' ADP Q . 15.55 -16.98 28.38
C2' ADP Q . 17.37 -18.71 28.23
O2' ADP Q . 16.93 -19.46 29.40
C1' ADP Q . 17.09 -19.13 26.76
N9 ADP Q . 18.20 -19.81 25.95
C8 ADP Q . 19.52 -19.69 25.86
N7 ADP Q . 20.12 -20.52 25.10
C5 ADP Q . 19.07 -21.33 24.65
C6 ADP Q . 18.84 -22.46 23.77
N6 ADP Q . 19.83 -23.06 23.05
N1 ADP Q . 17.58 -22.94 23.58
C2 ADP Q . 16.51 -22.42 24.18
N3 ADP Q . 16.65 -21.38 25.02
C4 ADP Q . 17.91 -20.90 25.21
PG ATP R . 22.10 -3.09 12.99
O1G ATP R . 21.98 -2.83 14.48
O2G ATP R . 21.99 -1.91 12.09
O3G ATP R . 23.11 -4.13 12.58
PB ATP R . 19.17 -3.59 12.79
O1B ATP R . 18.94 -2.50 11.78
O2B ATP R . 18.82 -3.44 14.24
O3B ATP R . 20.74 -3.91 12.68
PA ATP R . 18.20 -5.42 10.73
O1A ATP R . 16.95 -4.73 10.28
O2A ATP R . 19.38 -5.25 9.80
O3A ATP R . 18.64 -4.96 12.20
O5' ATP R . 17.91 -6.92 11.14
C5' ATP R . 18.89 -7.95 11.29
C4' ATP R . 18.69 -9.12 10.34
O4' ATP R . 17.53 -9.86 10.80
C3' ATP R . 18.47 -8.80 8.87
O3' ATP R . 19.40 -9.52 8.07
C2' ATP R . 16.99 -9.04 8.59
O2' ATP R . 16.41 -9.35 7.34
C1' ATP R . 16.59 -9.98 9.74
N9 ATP R . 15.25 -9.67 10.26
C8 ATP R . 14.81 -8.52 10.90
N7 ATP R . 13.54 -8.51 11.23
C5 ATP R . 13.09 -9.75 10.81
C6 ATP R . 11.85 -10.47 10.80
N6 ATP R . 10.71 -10.00 11.30
N1 ATP R . 11.74 -11.72 10.26
C2 ATP R . 12.81 -12.35 9.71
N3 ATP R . 14.00 -11.73 9.68
C4 ATP R . 14.13 -10.48 10.21
AS TAS S . 15.97 -18.01 23.20
O1 TAS S . 17.56 -17.78 23.84
O2 TAS S . 15.28 -16.44 22.93
O3 TAS S . 16.09 -18.85 21.67
CD CD T . -30.21 -6.65 -24.77
CD CD U . -33.28 -7.17 -22.84
CD CD V . -30.71 -6.32 -29.01
CD CD W . -14.86 5.96 7.33
CD CD X . -5.71 14.68 5.61
CD CD Y . -28.44 -22.51 -19.88
CD CD Z . -16.22 15.96 14.88
CD CD AA . -32.16 2.12 -1.85
CL CL BA . -31.29 -5.33 -23.03
CL CL CA . -34.90 -5.65 -23.69
CL CL DA . -32.53 -3.70 -29.55
CL CL EA . -31.73 5.14 -2.98
MG MG FA . -28.45 14.52 -25.63
MG MG GA . -13.04 -1.52 -18.63
PB ADP HA . -25.16 14.52 -25.39
O1B ADP HA . -25.37 14.06 -24.00
O2B ADP HA . -23.94 13.88 -26.13
O3B ADP HA . -26.43 14.56 -26.24
PA ADP HA . -24.72 17.35 -24.50
O1A ADP HA . -26.09 17.42 -23.89
O2A ADP HA . -24.30 18.15 -25.65
O3A ADP HA . -24.66 15.99 -25.34
O5' ADP HA . -23.85 17.41 -23.17
C5' ADP HA . -22.49 17.51 -22.69
C4' ADP HA . -22.72 18.61 -21.68
O4' ADP HA . -21.53 19.40 -22.03
C3' ADP HA . -23.63 19.84 -21.60
O3' ADP HA . -23.74 20.37 -20.27
C2' ADP HA . -23.03 20.98 -22.52
O2' ADP HA . -23.67 22.28 -22.30
C1' ADP HA . -21.49 20.79 -22.39
N9 ADP HA . -20.67 20.68 -23.67
C8 ADP HA . -20.81 20.03 -24.82
N7 ADP HA . -19.89 20.23 -25.68
C5 ADP HA . -19.07 21.16 -25.04
C6 ADP HA . -17.82 21.86 -25.29
N6 ADP HA . -17.11 21.68 -26.46
N1 ADP HA . -17.30 22.70 -24.36
C2 ADP HA . -17.91 22.94 -23.19
N3 ADP HA . -19.08 22.34 -22.90
C4 ADP HA . -19.59 21.49 -23.82
PG ATP IA . -14.83 0.21 -20.73
O1G ATP IA . -16.26 0.65 -20.60
O2G ATP IA . -14.50 -1.11 -20.13
O3G ATP IA . -14.15 0.50 -22.04
PB ATP IA . -13.99 1.70 -18.21
O1B ATP IA . -13.46 0.50 -17.51
O2B ATP IA . -15.34 2.28 -17.86
O3B ATP IA . -14.06 1.25 -19.75
PA ATP IA . -11.32 2.86 -18.22
O1A ATP IA . -10.93 2.69 -16.78
O2A ATP IA . -10.86 1.81 -19.21
O3A ATP IA . -12.92 2.86 -18.24
O5' ATP IA . -11.10 4.42 -18.50
C5' ATP IA . -11.01 5.07 -19.76
C4' ATP IA . -9.66 5.65 -20.13
O4' ATP IA . -9.47 6.83 -19.30
C3' ATP IA . -8.37 4.87 -19.88
O3' ATP IA . -7.44 4.99 -20.95
C2' ATP IA . -7.82 5.35 -18.53
O2' ATP IA . -6.45 5.14 -18.30
C1' ATP IA . -8.30 6.81 -18.50
N9 ATP IA . -8.79 7.35 -17.23
C8 ATP IA . -9.76 6.87 -16.37
N7 ATP IA . -9.94 7.59 -15.30
C5 ATP IA . -9.03 8.63 -15.42
C6 ATP IA . -8.62 9.77 -14.64
N6 ATP IA . -9.09 10.12 -13.43
N1 ATP IA . -7.67 10.63 -15.12
C2 ATP IA . -7.06 10.44 -16.32
N3 ATP IA . -7.37 9.36 -17.08
C4 ATP IA . -8.34 8.49 -16.62
AS TAS JA . -18.13 18.96 -21.11
O1 TAS JA . -19.07 18.48 -22.45
O2 TAS JA . -18.73 18.08 -19.70
O3 TAS JA . -16.47 18.55 -21.35
#